data_1JJI
#
_entry.id   1JJI
#
_cell.length_a   169.050
_cell.length_b   169.050
_cell.length_c   104.544
_cell.angle_alpha   90.00
_cell.angle_beta   90.00
_cell.angle_gamma   120.00
#
_symmetry.space_group_name_H-M   'P 62'
#
loop_
_entity.id
_entity.type
_entity.pdbx_description
1 polymer Carboxylesterase
2 non-polymer '4-(2-HYDROXYETHYL)-1-PIPERAZINE ETHANESULFONIC ACID'
3 water water
#
_entity_poly.entity_id   1
_entity_poly.type   'polypeptide(L)'
_entity_poly.pdbx_seq_one_letter_code
;MLDMPIDPVYYQLAEYFDSLPKFDQFSSAREYREAINRIYEERNRQLSQHERVERVEDRTIKGRNGDIRVRVYQQKPDSP
VLVYYHGGGFVICSIESHDALCRRIARLSNSTVVSVDYRLAPEHKFPAAVYDCYDATKWVAENAEELRIDPSKIFVGGDS
AGGNLAAAVSIMARDSGEDFIKHQILIYPVVNFVAPTPSLLEFGEGLWILDQKIMSWFSEQYFSREEDKFNPLASVIFAD
LENLPPALIITAEYDPLRDEGEVFGQMLRRAGVEASIVRYRGVLHGFINYYPVLKAARDAINQIAALLVFD
;
_entity_poly.pdbx_strand_id   A,B,C,D
#
# COMPACT_ATOMS: atom_id res chain seq x y z
N MET A 1 -9.14 9.90 30.68
CA MET A 1 -8.00 10.13 29.76
C MET A 1 -7.88 8.95 28.78
N LEU A 2 -7.34 9.23 27.60
CA LEU A 2 -7.12 8.24 26.55
C LEU A 2 -5.71 8.53 26.16
N ASP A 3 -5.42 8.75 24.88
CA ASP A 3 -4.08 9.22 24.63
C ASP A 3 -4.17 10.61 25.31
N MET A 4 -3.26 11.54 25.17
CA MET A 4 -3.55 12.64 26.07
C MET A 4 -4.31 13.89 25.59
N PRO A 5 -3.75 14.62 24.63
CA PRO A 5 -4.25 15.86 24.02
C PRO A 5 -5.65 15.80 23.39
N ILE A 6 -6.64 15.47 24.21
CA ILE A 6 -8.02 15.38 23.81
C ILE A 6 -8.71 16.71 24.03
N ASP A 7 -9.55 17.14 23.11
CA ASP A 7 -10.23 18.42 23.29
C ASP A 7 -10.85 18.51 24.71
N PRO A 8 -10.62 19.61 25.43
CA PRO A 8 -11.18 19.75 26.78
C PRO A 8 -12.70 19.57 26.94
N VAL A 9 -13.45 19.65 25.84
CA VAL A 9 -14.91 19.47 25.93
C VAL A 9 -15.30 18.05 26.43
N TYR A 10 -14.52 17.05 26.07
CA TYR A 10 -14.79 15.68 26.48
C TYR A 10 -14.69 15.53 28.02
N TYR A 11 -13.65 16.11 28.63
CA TYR A 11 -13.50 16.05 30.10
C TYR A 11 -14.68 16.74 30.76
N GLN A 12 -15.22 17.76 30.10
CA GLN A 12 -16.39 18.45 30.63
C GLN A 12 -17.65 17.58 30.45
N LEU A 13 -17.62 16.69 29.47
CA LEU A 13 -18.76 15.83 29.16
C LEU A 13 -18.66 14.45 29.86
N ALA A 14 -17.67 14.29 30.73
CA ALA A 14 -17.47 13.04 31.46
C ALA A 14 -18.79 12.48 32.03
N GLU A 15 -19.48 13.25 32.85
CA GLU A 15 -20.75 12.81 33.46
C GLU A 15 -21.76 12.37 32.42
N TYR A 16 -21.87 13.16 31.36
CA TYR A 16 -22.83 12.88 30.29
C TYR A 16 -22.60 11.50 29.68
N PHE A 17 -21.40 11.29 29.17
CA PHE A 17 -21.08 10.04 28.52
C PHE A 17 -21.27 8.85 29.47
N ASP A 18 -20.84 9.00 30.72
CA ASP A 18 -20.96 7.92 31.69
C ASP A 18 -22.43 7.67 32.11
N SER A 19 -23.28 8.67 31.96
CA SER A 19 -24.69 8.54 32.34
C SER A 19 -25.55 7.94 31.20
N LEU A 20 -24.97 7.76 30.02
CA LEU A 20 -25.76 7.21 28.93
C LEU A 20 -25.99 5.71 29.09
N PRO A 21 -27.19 5.24 28.68
CA PRO A 21 -27.48 3.81 28.81
C PRO A 21 -26.51 2.99 27.93
N LYS A 22 -26.01 1.90 28.51
CA LYS A 22 -25.10 1.02 27.81
C LYS A 22 -25.89 -0.15 27.19
N PHE A 23 -25.38 -0.70 26.08
CA PHE A 23 -26.07 -1.78 25.38
C PHE A 23 -26.23 -3.02 26.29
N ASP A 24 -25.18 -3.36 27.02
CA ASP A 24 -25.20 -4.53 27.88
C ASP A 24 -26.01 -4.33 29.17
N GLN A 25 -26.79 -3.26 29.26
CA GLN A 25 -27.62 -3.02 30.43
C GLN A 25 -29.06 -3.36 30.12
N PHE A 26 -29.28 -4.02 29.00
CA PHE A 26 -30.63 -4.42 28.58
C PHE A 26 -30.56 -5.84 28.05
N SER A 27 -31.70 -6.52 27.95
CA SER A 27 -31.69 -7.90 27.48
C SER A 27 -31.80 -8.00 25.95
N SER A 28 -32.27 -6.95 25.29
CA SER A 28 -32.35 -6.99 23.83
C SER A 28 -31.98 -5.64 23.20
N ALA A 29 -31.63 -5.68 21.92
CA ALA A 29 -31.28 -4.47 21.18
C ALA A 29 -32.47 -3.49 21.19
N ARG A 30 -33.68 -4.00 21.02
CA ARG A 30 -34.89 -3.18 20.98
C ARG A 30 -35.02 -2.25 22.20
N GLU A 31 -34.88 -2.83 23.39
CA GLU A 31 -34.98 -2.06 24.63
C GLU A 31 -33.81 -1.07 24.75
N TYR A 32 -32.62 -1.52 24.38
CA TYR A 32 -31.46 -0.63 24.40
C TYR A 32 -31.74 0.55 23.47
N ARG A 33 -32.19 0.23 22.26
CA ARG A 33 -32.50 1.22 21.24
C ARG A 33 -33.48 2.27 21.76
N GLU A 34 -34.60 1.81 22.31
CA GLU A 34 -35.62 2.70 22.84
C GLU A 34 -35.07 3.62 23.94
N ALA A 35 -34.21 3.10 24.80
CA ALA A 35 -33.65 3.91 25.87
C ALA A 35 -32.69 5.00 25.31
N ILE A 36 -31.74 4.58 24.47
CA ILE A 36 -30.76 5.52 23.93
C ILE A 36 -31.35 6.51 22.90
N ASN A 37 -32.29 6.07 22.07
CA ASN A 37 -32.87 6.97 21.06
C ASN A 37 -33.72 8.06 21.71
N ARG A 38 -34.36 7.72 22.81
CA ARG A 38 -35.19 8.64 23.56
C ARG A 38 -34.38 9.90 23.96
N ILE A 39 -33.20 9.64 24.49
CA ILE A 39 -32.28 10.68 24.93
C ILE A 39 -31.78 11.52 23.72
N TYR A 40 -31.26 10.85 22.70
CA TYR A 40 -30.76 11.53 21.51
C TYR A 40 -31.82 12.40 20.83
N GLU A 41 -33.03 11.85 20.72
CA GLU A 41 -34.10 12.57 20.04
C GLU A 41 -34.60 13.79 20.80
N GLU A 42 -34.63 13.72 22.13
CA GLU A 42 -35.08 14.87 22.88
C GLU A 42 -34.06 16.00 22.64
N ARG A 43 -32.77 15.69 22.82
CA ARG A 43 -31.72 16.67 22.59
C ARG A 43 -31.91 17.31 21.20
N ASN A 44 -32.11 16.48 20.19
CA ASN A 44 -32.31 17.01 18.84
C ASN A 44 -33.51 17.96 18.79
N ARG A 45 -34.57 17.61 19.52
CA ARG A 45 -35.74 18.48 19.53
C ARG A 45 -35.33 19.89 20.03
N GLN A 46 -34.43 19.93 21.00
CA GLN A 46 -33.93 21.20 21.52
C GLN A 46 -33.05 21.91 20.46
N LEU A 47 -32.10 21.20 19.88
CA LEU A 47 -31.18 21.79 18.90
C LEU A 47 -31.87 22.30 17.62
N SER A 48 -32.82 21.54 17.11
CA SER A 48 -33.49 21.92 15.87
C SER A 48 -34.17 23.27 15.97
N GLN A 49 -34.46 23.70 17.20
CA GLN A 49 -35.08 25.00 17.39
C GLN A 49 -34.19 26.06 16.79
N HIS A 50 -32.89 25.80 16.83
CA HIS A 50 -31.90 26.75 16.32
C HIS A 50 -31.41 26.46 14.89
N GLU A 51 -32.03 25.49 14.24
CA GLU A 51 -31.67 25.17 12.85
C GLU A 51 -32.95 25.24 11.98
N ARG A 52 -33.38 26.46 11.67
CA ARG A 52 -34.58 26.68 10.88
C ARG A 52 -34.41 26.32 9.41
N VAL A 53 -35.37 25.57 8.87
CA VAL A 53 -35.34 25.17 7.48
C VAL A 53 -36.70 25.44 6.83
N GLU A 54 -36.70 26.15 5.71
CA GLU A 54 -37.93 26.50 5.03
C GLU A 54 -38.94 25.36 5.02
N ARG A 55 -38.54 24.16 4.57
CA ARG A 55 -39.47 23.03 4.58
C ARG A 55 -38.77 21.69 4.82
N VAL A 56 -39.41 20.90 5.67
CA VAL A 56 -38.95 19.59 6.07
C VAL A 56 -40.14 18.66 5.86
N GLU A 57 -40.01 17.77 4.89
CA GLU A 57 -41.10 16.89 4.54
C GLU A 57 -40.79 15.41 4.75
N ASP A 58 -41.69 14.70 5.42
CA ASP A 58 -41.54 13.26 5.60
C ASP A 58 -42.33 12.59 4.49
N ARG A 59 -41.66 11.78 3.69
CA ARG A 59 -42.28 11.08 2.57
C ARG A 59 -42.04 9.59 2.71
N THR A 60 -43.00 8.81 2.27
CA THR A 60 -42.89 7.37 2.29
C THR A 60 -42.71 6.90 0.86
N ILE A 61 -41.62 6.19 0.59
CA ILE A 61 -41.35 5.72 -0.77
C ILE A 61 -41.33 4.16 -0.88
N LYS A 62 -41.20 3.64 -2.11
CA LYS A 62 -41.20 2.20 -2.38
C LYS A 62 -39.83 1.59 -2.57
N GLY A 63 -39.36 0.85 -1.56
CA GLY A 63 -38.07 0.22 -1.70
C GLY A 63 -38.36 -1.25 -1.94
N ARG A 64 -37.38 -2.03 -2.38
CA ARG A 64 -37.62 -3.44 -2.60
C ARG A 64 -38.10 -4.12 -1.30
N ASN A 65 -37.67 -3.59 -0.14
CA ASN A 65 -38.05 -4.18 1.16
C ASN A 65 -39.43 -3.73 1.65
N GLY A 66 -40.05 -2.80 0.93
CA GLY A 66 -41.33 -2.27 1.34
C GLY A 66 -41.17 -0.78 1.56
N ASP A 67 -42.08 -0.19 2.35
CA ASP A 67 -42.05 1.22 2.64
C ASP A 67 -40.69 1.71 3.20
N ILE A 68 -40.29 2.90 2.80
CA ILE A 68 -39.09 3.54 3.34
C ILE A 68 -39.42 5.00 3.57
N ARG A 69 -39.36 5.46 4.83
CA ARG A 69 -39.61 6.88 5.07
C ARG A 69 -38.30 7.69 4.85
N VAL A 70 -38.42 8.85 4.22
CA VAL A 70 -37.26 9.73 4.07
C VAL A 70 -37.68 11.15 4.50
N ARG A 71 -36.74 11.90 5.07
CA ARG A 71 -37.05 13.26 5.48
C ARG A 71 -36.28 14.22 4.55
N VAL A 72 -37.03 15.06 3.86
CA VAL A 72 -36.47 16.04 2.92
C VAL A 72 -36.40 17.44 3.54
N TYR A 73 -35.17 17.86 3.81
CA TYR A 73 -34.95 19.20 4.36
C TYR A 73 -34.57 20.08 3.19
N GLN A 74 -35.46 20.98 2.78
CA GLN A 74 -35.14 21.82 1.65
C GLN A 74 -35.15 23.31 2.00
N GLN A 75 -33.96 23.89 1.99
CA GLN A 75 -33.82 25.30 2.33
C GLN A 75 -34.11 26.14 1.09
N LYS A 76 -33.79 25.61 -0.09
CA LYS A 76 -34.04 26.27 -1.36
C LYS A 76 -34.29 25.25 -2.47
N PRO A 77 -35.31 25.48 -3.30
CA PRO A 77 -35.65 24.58 -4.41
C PRO A 77 -34.63 24.65 -5.57
N ASP A 78 -34.56 23.59 -6.37
CA ASP A 78 -33.66 23.51 -7.51
C ASP A 78 -32.20 23.61 -7.06
N SER A 79 -31.87 22.92 -5.96
CA SER A 79 -30.53 22.97 -5.42
C SER A 79 -29.90 21.59 -5.35
N PRO A 80 -28.59 21.54 -5.05
CA PRO A 80 -27.88 20.26 -4.92
C PRO A 80 -28.49 19.48 -3.74
N VAL A 81 -28.30 18.15 -3.73
CA VAL A 81 -28.82 17.33 -2.64
C VAL A 81 -27.77 16.42 -2.06
N LEU A 82 -27.90 16.21 -0.76
CA LEU A 82 -27.06 15.25 -0.08
C LEU A 82 -28.00 14.17 0.47
N VAL A 83 -27.86 12.93 -0.01
CA VAL A 83 -28.67 11.87 0.56
C VAL A 83 -27.86 11.38 1.74
N TYR A 84 -28.46 11.40 2.93
CA TYR A 84 -27.73 11.09 4.16
C TYR A 84 -28.21 9.84 4.88
N TYR A 85 -27.28 9.09 5.44
CA TYR A 85 -27.62 7.89 6.19
C TYR A 85 -27.03 8.00 7.60
N HIS A 86 -27.91 8.05 8.60
CA HIS A 86 -27.51 8.21 10.01
C HIS A 86 -26.69 7.04 10.57
N GLY A 87 -25.87 7.33 11.61
CA GLY A 87 -25.05 6.32 12.25
C GLY A 87 -25.86 5.52 13.26
N GLY A 88 -25.20 4.73 14.10
CA GLY A 88 -25.89 3.96 15.12
C GLY A 88 -25.63 2.46 15.08
N GLY A 89 -24.50 2.06 14.52
CA GLY A 89 -24.10 0.65 14.43
C GLY A 89 -25.02 -0.27 13.64
N PHE A 90 -25.89 0.29 12.81
CA PHE A 90 -26.86 -0.48 12.02
C PHE A 90 -28.00 -0.95 12.95
N VAL A 91 -27.93 -0.57 14.23
CA VAL A 91 -28.90 -0.99 15.23
C VAL A 91 -29.73 0.13 15.90
N ILE A 92 -29.10 1.25 16.23
CA ILE A 92 -29.83 2.31 16.90
C ILE A 92 -29.82 3.62 16.09
N CYS A 93 -30.33 4.67 16.73
CA CYS A 93 -30.42 5.99 16.12
C CYS A 93 -31.53 6.02 15.07
N SER A 94 -31.77 7.21 14.53
CA SER A 94 -32.85 7.41 13.60
C SER A 94 -32.76 8.76 12.90
N ILE A 95 -33.79 9.03 12.10
CA ILE A 95 -33.85 10.30 11.44
C ILE A 95 -33.90 11.42 12.51
N GLU A 96 -34.67 11.17 13.56
CA GLU A 96 -34.86 12.14 14.65
C GLU A 96 -33.60 12.40 15.47
N SER A 97 -32.71 11.42 15.57
CA SER A 97 -31.48 11.60 16.33
C SER A 97 -30.39 12.35 15.54
N HIS A 98 -30.61 12.59 14.25
CA HIS A 98 -29.62 13.31 13.41
C HIS A 98 -30.33 14.45 12.71
N ASP A 99 -31.48 14.80 13.25
CA ASP A 99 -32.33 15.83 12.70
C ASP A 99 -31.67 17.22 12.70
N ALA A 100 -31.04 17.57 13.82
CA ALA A 100 -30.38 18.86 13.97
C ALA A 100 -29.21 18.97 12.96
N LEU A 101 -28.43 17.89 12.87
CA LEU A 101 -27.30 17.83 11.94
C LEU A 101 -27.74 18.06 10.49
N CYS A 102 -28.75 17.32 10.03
CA CYS A 102 -29.22 17.49 8.65
C CYS A 102 -29.83 18.90 8.41
N ARG A 103 -30.59 19.41 9.37
CA ARG A 103 -31.16 20.75 9.25
C ARG A 103 -30.02 21.78 9.05
N ARG A 104 -28.99 21.66 9.88
CA ARG A 104 -27.86 22.56 9.83
C ARG A 104 -27.16 22.49 8.47
N ILE A 105 -26.98 21.29 7.93
CA ILE A 105 -26.35 21.15 6.63
C ILE A 105 -27.19 21.82 5.54
N ALA A 106 -28.49 21.54 5.55
CA ALA A 106 -29.40 22.13 4.55
C ALA A 106 -29.47 23.66 4.73
N ARG A 107 -29.57 24.13 5.96
CA ARG A 107 -29.65 25.58 6.22
C ARG A 107 -28.39 26.30 5.77
N LEU A 108 -27.22 25.86 6.26
CA LEU A 108 -25.98 26.52 5.90
C LEU A 108 -25.75 26.55 4.38
N SER A 109 -26.07 25.45 3.69
CA SER A 109 -25.84 25.37 2.26
C SER A 109 -26.96 25.94 1.39
N ASN A 110 -28.11 26.26 1.99
CA ASN A 110 -29.23 26.73 1.19
C ASN A 110 -29.60 25.68 0.16
N SER A 111 -29.52 24.42 0.56
CA SER A 111 -29.80 23.37 -0.38
C SER A 111 -30.75 22.27 0.16
N THR A 112 -30.50 21.04 -0.25
CA THR A 112 -31.38 19.96 0.18
C THR A 112 -30.62 18.79 0.76
N VAL A 113 -31.23 18.18 1.74
CA VAL A 113 -30.70 16.99 2.38
C VAL A 113 -31.86 15.98 2.49
N VAL A 114 -31.64 14.73 2.03
CA VAL A 114 -32.65 13.69 2.13
C VAL A 114 -32.12 12.61 3.10
N SER A 115 -32.67 12.58 4.32
CA SER A 115 -32.23 11.63 5.34
C SER A 115 -33.09 10.37 5.28
N VAL A 116 -32.43 9.22 5.16
CA VAL A 116 -33.08 7.92 4.99
C VAL A 116 -33.31 7.12 6.29
N ASP A 117 -34.58 6.73 6.49
CA ASP A 117 -34.99 5.95 7.65
C ASP A 117 -34.86 4.43 7.29
N TYR A 118 -33.63 3.95 7.17
CA TYR A 118 -33.38 2.57 6.78
C TYR A 118 -33.68 1.52 7.88
N ARG A 119 -34.03 0.32 7.44
CA ARG A 119 -34.33 -0.82 8.33
C ARG A 119 -33.13 -1.13 9.28
N LEU A 120 -33.43 -1.30 10.55
CA LEU A 120 -32.40 -1.57 11.54
C LEU A 120 -32.29 -3.05 11.95
N ALA A 121 -31.07 -3.46 12.30
CA ALA A 121 -30.79 -4.79 12.80
C ALA A 121 -30.98 -4.75 14.32
N PRO A 122 -31.21 -5.92 14.97
CA PRO A 122 -31.27 -7.25 14.37
C PRO A 122 -32.61 -7.57 13.66
N GLU A 123 -33.62 -6.72 13.83
CA GLU A 123 -34.91 -6.93 13.18
C GLU A 123 -34.74 -7.25 11.67
N HIS A 124 -33.92 -6.45 11.00
CA HIS A 124 -33.62 -6.65 9.58
C HIS A 124 -32.11 -6.74 9.44
N LYS A 125 -31.65 -7.93 9.10
CA LYS A 125 -30.23 -8.25 8.98
C LYS A 125 -29.61 -7.74 7.69
N PHE A 126 -28.30 -7.53 7.73
CA PHE A 126 -27.57 -7.16 6.53
C PHE A 126 -28.06 -8.15 5.45
N PRO A 127 -28.26 -7.69 4.20
CA PRO A 127 -28.06 -6.34 3.64
C PRO A 127 -29.33 -5.49 3.53
N ALA A 128 -30.34 -5.71 4.36
CA ALA A 128 -31.57 -4.91 4.24
C ALA A 128 -31.31 -3.36 4.23
N ALA A 129 -30.51 -2.88 5.18
CA ALA A 129 -30.22 -1.45 5.26
C ALA A 129 -29.53 -0.95 3.97
N VAL A 130 -28.56 -1.71 3.46
CA VAL A 130 -27.88 -1.30 2.25
C VAL A 130 -28.89 -1.07 1.11
N TYR A 131 -29.83 -2.00 0.95
CA TYR A 131 -30.85 -1.90 -0.11
C TYR A 131 -31.84 -0.75 0.14
N ASP A 132 -32.21 -0.52 1.40
CA ASP A 132 -33.08 0.62 1.68
C ASP A 132 -32.35 1.91 1.27
N CYS A 133 -31.07 2.03 1.61
CA CYS A 133 -30.33 3.25 1.31
C CYS A 133 -30.14 3.43 -0.21
N TYR A 134 -29.84 2.34 -0.90
CA TYR A 134 -29.67 2.40 -2.34
C TYR A 134 -31.00 2.74 -2.99
N ASP A 135 -32.08 2.07 -2.58
CA ASP A 135 -33.38 2.35 -3.19
C ASP A 135 -33.78 3.81 -2.99
N ALA A 136 -33.60 4.34 -1.77
CA ALA A 136 -33.95 5.72 -1.50
C ALA A 136 -33.08 6.68 -2.34
N THR A 137 -31.80 6.36 -2.50
CA THR A 137 -30.90 7.20 -3.28
C THR A 137 -31.31 7.22 -4.76
N LYS A 138 -31.62 6.05 -5.30
CA LYS A 138 -32.03 5.97 -6.69
C LYS A 138 -33.36 6.73 -6.88
N TRP A 139 -34.24 6.61 -5.89
CA TRP A 139 -35.52 7.29 -5.95
C TRP A 139 -35.29 8.82 -6.01
N VAL A 140 -34.25 9.30 -5.35
CA VAL A 140 -33.97 10.71 -5.37
C VAL A 140 -33.52 11.10 -6.78
N ALA A 141 -32.62 10.29 -7.34
CA ALA A 141 -32.13 10.54 -8.68
C ALA A 141 -33.27 10.49 -9.70
N GLU A 142 -34.21 9.54 -9.53
CA GLU A 142 -35.30 9.39 -10.50
C GLU A 142 -36.43 10.40 -10.33
N ASN A 143 -36.51 11.04 -9.18
CA ASN A 143 -37.56 12.00 -8.93
C ASN A 143 -37.04 13.43 -8.80
N ALA A 144 -35.94 13.72 -9.48
CA ALA A 144 -35.33 15.04 -9.41
C ALA A 144 -36.35 16.20 -9.52
N GLU A 145 -37.12 16.24 -10.60
CA GLU A 145 -38.10 17.33 -10.80
C GLU A 145 -39.14 17.43 -9.69
N GLU A 146 -39.69 16.30 -9.27
CA GLU A 146 -40.67 16.32 -8.22
C GLU A 146 -40.10 16.87 -6.91
N LEU A 147 -38.88 16.46 -6.58
CA LEU A 147 -38.25 16.90 -5.34
C LEU A 147 -37.69 18.32 -5.46
N ARG A 148 -37.55 18.78 -6.70
CA ARG A 148 -37.00 20.11 -6.94
C ARG A 148 -35.51 20.14 -6.57
N ILE A 149 -34.78 19.11 -6.97
CA ILE A 149 -33.34 19.10 -6.73
C ILE A 149 -32.58 18.99 -8.04
N ASP A 150 -31.33 19.45 -8.01
CA ASP A 150 -30.48 19.43 -9.18
C ASP A 150 -29.94 18.01 -9.42
N PRO A 151 -30.47 17.31 -10.45
CA PRO A 151 -30.05 15.94 -10.75
C PRO A 151 -28.55 15.84 -11.10
N SER A 152 -27.93 16.95 -11.44
CA SER A 152 -26.51 16.89 -11.77
C SER A 152 -25.63 17.07 -10.51
N LYS A 153 -26.26 17.38 -9.38
CA LYS A 153 -25.53 17.55 -8.12
C LYS A 153 -26.14 16.70 -6.96
N ILE A 154 -26.02 15.37 -7.09
CA ILE A 154 -26.49 14.48 -6.06
C ILE A 154 -25.29 13.86 -5.33
N PHE A 155 -25.27 14.05 -4.01
CA PHE A 155 -24.20 13.54 -3.14
C PHE A 155 -24.76 12.54 -2.15
N VAL A 156 -23.90 11.64 -1.68
CA VAL A 156 -24.30 10.68 -0.65
C VAL A 156 -23.30 10.78 0.51
N GLY A 157 -23.76 10.53 1.73
CA GLY A 157 -22.89 10.61 2.87
C GLY A 157 -23.57 10.12 4.12
N GLY A 158 -22.76 9.80 5.12
CA GLY A 158 -23.28 9.31 6.38
C GLY A 158 -22.16 9.25 7.40
N ASP A 159 -22.52 9.09 8.66
CA ASP A 159 -21.57 9.02 9.76
C ASP A 159 -21.57 7.60 10.34
N SER A 160 -20.39 7.05 10.62
CA SER A 160 -20.28 5.73 11.26
C SER A 160 -20.88 4.61 10.39
N ALA A 161 -21.91 3.94 10.87
CA ALA A 161 -22.51 2.90 10.06
C ALA A 161 -23.08 3.59 8.81
N GLY A 162 -23.42 4.86 8.96
CA GLY A 162 -23.93 5.63 7.84
C GLY A 162 -22.89 5.90 6.77
N GLY A 163 -21.64 6.07 7.17
CA GLY A 163 -20.57 6.28 6.21
C GLY A 163 -20.37 4.95 5.49
N ASN A 164 -20.49 3.85 6.24
CA ASN A 164 -20.39 2.55 5.61
C ASN A 164 -21.49 2.42 4.56
N LEU A 165 -22.71 2.82 4.93
CA LEU A 165 -23.82 2.72 4.00
C LEU A 165 -23.63 3.60 2.78
N ALA A 166 -23.04 4.78 2.95
CA ALA A 166 -22.82 5.65 1.78
C ALA A 166 -21.84 4.98 0.81
N ALA A 167 -20.82 4.35 1.37
CA ALA A 167 -19.81 3.67 0.55
C ALA A 167 -20.47 2.47 -0.21
N ALA A 168 -21.25 1.68 0.51
CA ALA A 168 -21.94 0.53 -0.05
C ALA A 168 -22.89 0.98 -1.16
N VAL A 169 -23.61 2.08 -0.91
CA VAL A 169 -24.52 2.59 -1.92
C VAL A 169 -23.73 3.00 -3.20
N SER A 170 -22.63 3.72 -3.01
CA SER A 170 -21.83 4.14 -4.15
C SER A 170 -21.36 2.93 -4.98
N ILE A 171 -20.93 1.89 -4.30
CA ILE A 171 -20.49 0.66 -4.93
C ILE A 171 -21.66 0.01 -5.68
N MET A 172 -22.79 -0.12 -5.00
CA MET A 172 -23.97 -0.72 -5.63
C MET A 172 -24.35 0.07 -6.89
N ALA A 173 -24.27 1.41 -6.84
CA ALA A 173 -24.60 2.23 -8.01
C ALA A 173 -23.59 1.97 -9.15
N ARG A 174 -22.31 1.96 -8.81
CA ARG A 174 -21.24 1.69 -9.75
C ARG A 174 -21.49 0.31 -10.42
N ASP A 175 -21.67 -0.72 -9.60
CA ASP A 175 -21.94 -2.05 -10.11
C ASP A 175 -23.14 -2.08 -11.08
N SER A 176 -24.13 -1.22 -10.85
CA SER A 176 -25.31 -1.15 -11.71
C SER A 176 -25.11 -0.21 -12.91
N GLY A 177 -23.89 0.29 -13.08
CA GLY A 177 -23.64 1.19 -14.19
C GLY A 177 -24.31 2.56 -14.03
N GLU A 178 -24.76 2.89 -12.82
CA GLU A 178 -25.39 4.18 -12.60
C GLU A 178 -24.29 5.23 -12.29
N ASP A 179 -24.46 6.44 -12.78
CA ASP A 179 -23.43 7.45 -12.57
C ASP A 179 -23.96 8.77 -11.95
N PHE A 180 -25.13 8.74 -11.31
CA PHE A 180 -25.72 9.94 -10.73
C PHE A 180 -25.06 10.47 -9.42
N ILE A 181 -24.24 9.66 -8.75
CA ILE A 181 -23.61 10.13 -7.51
C ILE A 181 -22.36 10.90 -7.85
N LYS A 182 -22.30 12.17 -7.44
CA LYS A 182 -21.12 12.98 -7.77
C LYS A 182 -20.08 13.06 -6.68
N HIS A 183 -20.42 12.65 -5.46
CA HIS A 183 -19.48 12.71 -4.35
C HIS A 183 -19.94 11.82 -3.21
N GLN A 184 -19.00 11.17 -2.53
CA GLN A 184 -19.37 10.40 -1.34
C GLN A 184 -18.63 11.03 -0.11
N ILE A 185 -19.38 11.25 0.96
CA ILE A 185 -18.87 11.87 2.18
C ILE A 185 -18.95 10.85 3.31
N LEU A 186 -17.79 10.33 3.70
CA LEU A 186 -17.73 9.31 4.73
C LEU A 186 -17.20 9.89 6.03
N ILE A 187 -18.08 10.00 7.02
CA ILE A 187 -17.69 10.56 8.31
C ILE A 187 -17.37 9.40 9.27
N TYR A 188 -16.09 9.27 9.64
CA TYR A 188 -15.58 8.16 10.46
C TYR A 188 -16.41 6.89 10.24
N PRO A 189 -16.32 6.35 9.05
CA PRO A 189 -17.03 5.14 8.66
C PRO A 189 -16.39 3.88 9.20
N VAL A 190 -17.17 2.82 9.24
CA VAL A 190 -16.63 1.49 9.50
C VAL A 190 -16.64 0.89 8.06
N VAL A 191 -15.49 0.40 7.61
CA VAL A 191 -15.39 -0.17 6.25
C VAL A 191 -14.81 -1.60 6.30
N ASN A 192 -14.65 -2.15 7.50
CA ASN A 192 -14.03 -3.44 7.65
C ASN A 192 -14.53 -4.18 8.88
N PHE A 193 -14.98 -5.41 8.68
CA PHE A 193 -15.46 -6.20 9.80
C PHE A 193 -14.62 -7.45 9.97
N VAL A 194 -13.57 -7.61 9.19
CA VAL A 194 -12.80 -8.85 9.26
C VAL A 194 -11.34 -8.74 9.79
N ALA A 195 -10.57 -7.74 9.34
CA ALA A 195 -9.18 -7.58 9.75
C ALA A 195 -8.99 -6.56 10.87
N PRO A 196 -7.90 -6.70 11.64
CA PRO A 196 -7.64 -5.74 12.71
C PRO A 196 -6.71 -4.63 12.19
N THR A 197 -6.60 -3.55 12.96
CA THR A 197 -5.74 -2.44 12.61
C THR A 197 -5.16 -1.93 13.92
N PRO A 198 -4.03 -1.19 13.88
CA PRO A 198 -3.44 -0.69 15.12
C PRO A 198 -4.40 0.14 15.96
N SER A 199 -5.19 1.01 15.29
CA SER A 199 -6.13 1.85 16.03
C SER A 199 -7.24 1.00 16.69
N LEU A 200 -7.63 -0.06 16.00
CA LEU A 200 -8.67 -0.94 16.53
C LEU A 200 -8.18 -1.52 17.88
N LEU A 201 -6.95 -2.01 17.86
CA LEU A 201 -6.33 -2.55 19.07
C LEU A 201 -6.05 -1.43 20.11
N GLU A 202 -5.43 -0.34 19.67
CA GLU A 202 -5.10 0.73 20.59
C GLU A 202 -6.31 1.37 21.31
N PHE A 203 -7.42 1.57 20.61
CA PHE A 203 -8.58 2.17 21.24
C PHE A 203 -9.71 1.14 21.46
N GLY A 204 -9.35 -0.14 21.39
CA GLY A 204 -10.33 -1.20 21.58
C GLY A 204 -11.04 -1.08 22.91
N GLU A 205 -10.40 -0.40 23.86
CA GLU A 205 -10.96 -0.19 25.19
C GLU A 205 -10.45 1.12 25.79
N GLY A 206 -11.21 1.67 26.72
CA GLY A 206 -10.78 2.90 27.36
C GLY A 206 -11.36 4.22 26.89
N LEU A 207 -12.01 4.24 25.74
CA LEU A 207 -12.59 5.49 25.24
C LEU A 207 -14.10 5.50 25.39
N TRP A 208 -14.65 6.70 25.48
CA TRP A 208 -16.09 6.84 25.56
C TRP A 208 -16.64 6.54 24.15
N ILE A 209 -17.96 6.45 24.04
CA ILE A 209 -18.65 6.24 22.76
C ILE A 209 -18.47 4.85 22.13
N LEU A 210 -17.22 4.45 21.89
CA LEU A 210 -16.95 3.19 21.20
C LEU A 210 -15.78 2.38 21.79
N ASP A 211 -16.00 1.08 21.93
CA ASP A 211 -14.99 0.13 22.40
C ASP A 211 -15.21 -1.21 21.68
N GLN A 212 -14.28 -2.16 21.82
CA GLN A 212 -14.40 -3.42 21.12
C GLN A 212 -15.67 -4.24 21.47
N LYS A 213 -16.10 -4.16 22.72
CA LYS A 213 -17.27 -4.90 23.14
C LYS A 213 -18.54 -4.52 22.34
N ILE A 214 -18.89 -3.22 22.31
CA ILE A 214 -20.09 -2.81 21.57
C ILE A 214 -19.93 -2.98 20.06
N MET A 215 -18.70 -2.90 19.55
CA MET A 215 -18.48 -3.09 18.14
C MET A 215 -18.81 -4.54 17.75
N SER A 216 -18.41 -5.50 18.59
CA SER A 216 -18.70 -6.89 18.33
C SER A 216 -20.19 -7.13 18.47
N TRP A 217 -20.81 -6.48 19.44
CA TRP A 217 -22.23 -6.64 19.62
C TRP A 217 -22.99 -6.14 18.39
N PHE A 218 -22.57 -4.99 17.85
CA PHE A 218 -23.23 -4.41 16.69
C PHE A 218 -23.17 -5.39 15.50
N SER A 219 -22.00 -5.95 15.24
CA SER A 219 -21.89 -6.86 14.12
C SER A 219 -22.72 -8.15 14.35
N GLU A 220 -22.83 -8.57 15.60
CA GLU A 220 -23.64 -9.75 15.91
C GLU A 220 -25.12 -9.47 15.55
N GLN A 221 -25.59 -8.25 15.81
CA GLN A 221 -26.97 -7.89 15.51
C GLN A 221 -27.19 -7.69 14.00
N TYR A 222 -26.18 -7.14 13.33
CA TYR A 222 -26.24 -6.80 11.92
C TYR A 222 -26.24 -8.00 10.95
N PHE A 223 -25.29 -8.92 11.15
CA PHE A 223 -25.14 -10.07 10.28
C PHE A 223 -25.91 -11.32 10.78
N SER A 224 -26.55 -12.02 9.85
CA SER A 224 -27.27 -13.24 10.23
C SER A 224 -26.29 -14.42 10.24
N ARG A 225 -25.24 -14.31 9.43
CA ARG A 225 -24.18 -15.31 9.34
C ARG A 225 -22.77 -14.67 9.35
N GLU A 226 -21.89 -15.24 10.16
CA GLU A 226 -20.50 -14.76 10.28
C GLU A 226 -19.88 -14.41 8.94
N GLU A 227 -19.90 -15.34 8.00
CA GLU A 227 -19.32 -15.13 6.67
C GLU A 227 -19.91 -13.92 5.93
N ASP A 228 -21.03 -13.37 6.39
CA ASP A 228 -21.58 -12.21 5.69
C ASP A 228 -20.65 -11.00 5.88
N LYS A 229 -19.79 -11.11 6.90
CA LYS A 229 -18.82 -10.07 7.21
C LYS A 229 -17.87 -9.82 6.04
N PHE A 230 -17.65 -10.84 5.20
CA PHE A 230 -16.72 -10.66 4.10
C PHE A 230 -17.40 -10.17 2.85
N ASN A 231 -18.72 -9.97 2.91
CA ASN A 231 -19.43 -9.49 1.73
C ASN A 231 -18.88 -8.10 1.39
N PRO A 232 -18.64 -7.83 0.09
CA PRO A 232 -18.11 -6.52 -0.32
C PRO A 232 -19.03 -5.34 -0.08
N LEU A 233 -20.30 -5.62 0.26
CA LEU A 233 -21.25 -4.55 0.53
C LEU A 233 -21.29 -4.31 2.03
N ALA A 234 -20.48 -5.07 2.74
CA ALA A 234 -20.33 -4.91 4.19
C ALA A 234 -18.88 -4.43 4.42
N SER A 235 -17.90 -5.33 4.25
CA SER A 235 -16.50 -4.91 4.35
C SER A 235 -16.15 -4.27 3.03
N VAL A 236 -16.64 -3.04 2.82
CA VAL A 236 -16.43 -2.34 1.55
C VAL A 236 -14.99 -2.18 1.16
N ILE A 237 -14.10 -2.21 2.14
CA ILE A 237 -12.68 -2.06 1.84
C ILE A 237 -12.17 -3.16 0.86
N PHE A 238 -12.93 -4.23 0.70
CA PHE A 238 -12.51 -5.30 -0.22
C PHE A 238 -13.23 -5.30 -1.55
N ALA A 239 -14.08 -4.30 -1.78
CA ALA A 239 -14.81 -4.24 -3.03
C ALA A 239 -13.92 -3.69 -4.17
N ASP A 240 -14.40 -3.79 -5.40
CA ASP A 240 -13.68 -3.19 -6.50
C ASP A 240 -13.95 -1.70 -6.33
N LEU A 241 -12.92 -0.87 -6.39
CA LEU A 241 -13.08 0.57 -6.15
C LEU A 241 -13.02 1.44 -7.42
N GLU A 242 -12.76 0.82 -8.57
CA GLU A 242 -12.68 1.59 -9.81
C GLU A 242 -13.96 2.34 -10.13
N ASN A 243 -13.79 3.59 -10.54
CA ASN A 243 -14.88 4.45 -10.94
C ASN A 243 -15.84 4.89 -9.85
N LEU A 244 -15.48 4.65 -8.61
CA LEU A 244 -16.32 5.09 -7.51
C LEU A 244 -16.33 6.64 -7.44
N PRO A 245 -17.37 7.22 -6.83
CA PRO A 245 -17.37 8.68 -6.77
C PRO A 245 -16.20 9.26 -5.92
N PRO A 246 -15.80 10.50 -6.20
CA PRO A 246 -14.73 11.24 -5.50
C PRO A 246 -15.19 11.27 -4.01
N ALA A 247 -14.25 11.16 -3.09
CA ALA A 247 -14.62 11.06 -1.70
C ALA A 247 -13.98 12.08 -0.78
N LEU A 248 -14.74 12.44 0.25
CA LEU A 248 -14.28 13.28 1.33
C LEU A 248 -14.42 12.37 2.56
N ILE A 249 -13.28 12.02 3.14
CA ILE A 249 -13.30 11.16 4.30
C ILE A 249 -12.82 11.92 5.54
N ILE A 250 -13.69 11.97 6.53
CA ILE A 250 -13.40 12.65 7.77
C ILE A 250 -13.26 11.61 8.88
N THR A 251 -12.10 11.62 9.53
CA THR A 251 -11.84 10.67 10.60
C THR A 251 -11.57 11.39 11.93
N ALA A 252 -11.72 10.63 13.00
CA ALA A 252 -11.48 11.11 14.36
C ALA A 252 -10.16 10.51 14.84
N GLU A 253 -9.33 11.32 15.47
CA GLU A 253 -8.04 10.85 15.98
C GLU A 253 -8.18 9.71 17.02
N TYR A 254 -9.01 9.91 18.04
CA TYR A 254 -9.14 8.89 19.08
C TYR A 254 -10.34 8.02 18.74
N ASP A 255 -10.14 7.03 17.89
CA ASP A 255 -11.27 6.20 17.41
C ASP A 255 -10.71 4.89 16.89
N PRO A 256 -11.28 3.77 17.36
CA PRO A 256 -10.77 2.48 16.88
C PRO A 256 -10.89 2.35 15.34
N LEU A 257 -11.92 2.96 14.77
CA LEU A 257 -12.19 2.87 13.33
C LEU A 257 -11.37 3.85 12.47
N ARG A 258 -10.52 4.63 13.11
CA ARG A 258 -9.71 5.62 12.41
C ARG A 258 -8.81 5.08 11.27
N ASP A 259 -7.94 4.13 11.58
CA ASP A 259 -7.01 3.67 10.55
C ASP A 259 -7.71 3.06 9.32
N GLU A 260 -8.79 2.36 9.61
CA GLU A 260 -9.63 1.71 8.62
C GLU A 260 -10.11 2.76 7.55
N GLY A 261 -10.69 3.86 8.05
CA GLY A 261 -11.21 4.93 7.22
C GLY A 261 -10.16 5.55 6.34
N GLU A 262 -8.99 5.77 6.93
CA GLU A 262 -7.87 6.36 6.20
C GLU A 262 -7.32 5.38 5.18
N VAL A 263 -7.21 4.11 5.57
CA VAL A 263 -6.71 3.12 4.60
C VAL A 263 -7.68 3.06 3.42
N PHE A 264 -8.98 3.10 3.70
CA PHE A 264 -9.96 3.04 2.59
C PHE A 264 -9.75 4.23 1.65
N GLY A 265 -9.36 5.38 2.21
CA GLY A 265 -9.11 6.54 1.38
C GLY A 265 -7.85 6.38 0.55
N GLN A 266 -6.84 5.75 1.11
CA GLN A 266 -5.61 5.52 0.36
C GLN A 266 -5.84 4.47 -0.77
N MET A 267 -6.70 3.49 -0.48
CA MET A 267 -7.01 2.48 -1.46
C MET A 267 -7.77 3.10 -2.66
N LEU A 268 -8.70 4.01 -2.36
CA LEU A 268 -9.44 4.71 -3.43
C LEU A 268 -8.47 5.51 -4.32
N ARG A 269 -7.46 6.12 -3.71
CA ARG A 269 -6.49 6.89 -4.49
C ARG A 269 -5.74 5.97 -5.44
N ARG A 270 -5.28 4.83 -4.96
CA ARG A 270 -4.56 3.87 -5.80
C ARG A 270 -5.41 3.45 -6.98
N ALA A 271 -6.69 3.24 -6.72
CA ALA A 271 -7.63 2.83 -7.76
C ALA A 271 -7.99 3.99 -8.68
N GLY A 272 -7.32 5.13 -8.52
CA GLY A 272 -7.62 6.27 -9.38
C GLY A 272 -8.86 7.09 -9.02
N VAL A 273 -9.34 6.95 -7.79
CA VAL A 273 -10.46 7.76 -7.40
C VAL A 273 -9.92 8.92 -6.54
N GLU A 274 -10.32 10.15 -6.86
CA GLU A 274 -9.84 11.28 -6.06
C GLU A 274 -10.49 11.26 -4.67
N ALA A 275 -9.68 11.55 -3.66
CA ALA A 275 -10.15 11.51 -2.29
C ALA A 275 -9.32 12.39 -1.41
N SER A 276 -9.99 12.90 -0.38
CA SER A 276 -9.38 13.72 0.66
C SER A 276 -9.57 12.96 1.98
N ILE A 277 -8.49 12.84 2.73
CA ILE A 277 -8.55 12.20 4.01
C ILE A 277 -8.15 13.22 5.05
N VAL A 278 -9.13 13.57 5.86
CA VAL A 278 -8.97 14.60 6.83
C VAL A 278 -9.15 14.06 8.26
N ARG A 279 -8.07 14.05 9.02
CA ARG A 279 -8.13 13.57 10.38
C ARG A 279 -8.29 14.74 11.36
N TYR A 280 -9.39 14.80 12.08
CA TYR A 280 -9.57 15.85 13.07
C TYR A 280 -8.87 15.42 14.40
N ARG A 281 -7.95 16.23 14.89
CA ARG A 281 -7.24 15.86 16.12
C ARG A 281 -8.02 16.18 17.39
N GLY A 282 -7.73 15.39 18.43
CA GLY A 282 -8.35 15.61 19.73
C GLY A 282 -9.80 15.23 19.87
N VAL A 283 -10.39 14.59 18.87
CA VAL A 283 -11.80 14.22 19.01
C VAL A 283 -12.03 12.70 18.94
N LEU A 284 -13.21 12.26 19.37
CA LEU A 284 -13.51 10.83 19.35
C LEU A 284 -14.56 10.51 18.28
N HIS A 285 -14.84 9.23 18.11
CA HIS A 285 -15.84 8.79 17.18
C HIS A 285 -17.16 9.44 17.56
N GLY A 286 -17.96 9.79 16.57
CA GLY A 286 -19.25 10.40 16.80
C GLY A 286 -19.23 11.88 17.15
N PHE A 287 -18.08 12.55 17.00
CA PHE A 287 -17.97 13.96 17.40
C PHE A 287 -18.84 14.98 16.66
N ILE A 288 -19.25 14.70 15.42
CA ILE A 288 -20.00 15.69 14.65
C ILE A 288 -21.35 16.13 15.27
N ASN A 289 -21.98 15.24 16.04
CA ASN A 289 -23.28 15.59 16.63
C ASN A 289 -23.16 16.53 17.82
N TYR A 290 -21.94 16.76 18.27
CA TYR A 290 -21.67 17.66 19.38
C TYR A 290 -21.26 19.08 18.92
N TYR A 291 -21.66 19.47 17.71
CA TYR A 291 -21.31 20.79 17.16
C TYR A 291 -21.74 22.02 18.03
N PRO A 292 -22.80 21.89 18.86
CA PRO A 292 -23.14 23.09 19.64
C PRO A 292 -22.03 23.45 20.68
N VAL A 293 -21.21 22.49 21.07
CA VAL A 293 -20.17 22.79 22.06
C VAL A 293 -18.77 22.40 21.60
N LEU A 294 -18.62 21.89 20.39
CA LEU A 294 -17.30 21.47 19.91
C LEU A 294 -17.02 22.10 18.54
N LYS A 295 -16.07 23.02 18.47
CA LYS A 295 -15.76 23.69 17.21
C LYS A 295 -15.36 22.70 16.10
N ALA A 296 -14.56 21.69 16.42
CA ALA A 296 -14.14 20.68 15.44
C ALA A 296 -15.38 20.13 14.70
N ALA A 297 -16.50 19.98 15.40
CA ALA A 297 -17.73 19.46 14.80
C ALA A 297 -18.36 20.51 13.89
N ARG A 298 -18.30 21.78 14.31
CA ARG A 298 -18.89 22.79 13.45
C ARG A 298 -18.08 22.91 12.14
N ASP A 299 -16.76 22.74 12.24
CA ASP A 299 -15.93 22.82 11.04
C ASP A 299 -16.11 21.57 10.17
N ALA A 300 -16.26 20.39 10.77
CA ALA A 300 -16.50 19.18 9.99
C ALA A 300 -17.81 19.39 9.15
N ILE A 301 -18.86 19.87 9.83
CA ILE A 301 -20.14 20.15 9.18
C ILE A 301 -20.01 21.20 8.05
N ASN A 302 -19.21 22.24 8.30
CA ASN A 302 -18.95 23.27 7.29
C ASN A 302 -18.34 22.62 5.99
N GLN A 303 -17.53 21.57 6.17
CA GLN A 303 -16.90 20.86 5.04
C GLN A 303 -17.93 20.14 4.18
N ILE A 304 -18.95 19.58 4.81
CA ILE A 304 -20.02 18.89 4.11
C ILE A 304 -20.90 19.93 3.38
N ALA A 305 -21.29 20.99 4.08
CA ALA A 305 -22.09 22.04 3.51
C ALA A 305 -21.37 22.75 2.34
N ALA A 306 -20.06 22.99 2.49
CA ALA A 306 -19.29 23.66 1.43
C ALA A 306 -19.40 22.89 0.10
N LEU A 307 -19.45 21.56 0.21
CA LEU A 307 -19.56 20.71 -0.98
C LEU A 307 -20.87 20.97 -1.76
N LEU A 308 -21.94 21.24 -1.04
CA LEU A 308 -23.21 21.51 -1.72
C LEU A 308 -23.27 22.94 -2.25
N VAL A 309 -22.52 23.85 -1.62
CA VAL A 309 -22.53 25.23 -2.02
C VAL A 309 -21.50 25.50 -3.11
N PHE A 310 -20.29 25.01 -2.91
CA PHE A 310 -19.23 25.29 -3.84
C PHE A 310 -19.04 24.33 -4.99
N ASP A 311 -18.49 24.91 -6.04
CA ASP A 311 -18.09 24.27 -7.27
C ASP A 311 -16.76 24.90 -7.62
N MET B 1 10.37 6.62 1.52
CA MET B 1 9.39 7.05 0.48
C MET B 1 9.21 6.06 -0.68
N LEU B 2 9.01 4.77 -0.41
CA LEU B 2 8.71 3.95 -1.58
C LEU B 2 7.40 3.35 -1.28
N ASP B 3 7.19 3.29 0.03
CA ASP B 3 6.02 2.75 0.65
C ASP B 3 4.98 3.78 1.12
N MET B 4 5.44 4.90 1.68
CA MET B 4 4.55 5.92 2.18
C MET B 4 3.25 6.02 1.38
N PRO B 5 2.11 6.10 2.09
CA PRO B 5 0.83 6.22 1.42
C PRO B 5 0.59 7.72 1.06
N ILE B 6 1.48 8.25 0.23
CA ILE B 6 1.42 9.65 -0.23
C ILE B 6 0.42 9.78 -1.36
N ASP B 7 -0.23 10.93 -1.50
CA ASP B 7 -1.18 11.05 -2.60
C ASP B 7 -0.44 10.85 -3.96
N PRO B 8 -0.90 9.89 -4.78
CA PRO B 8 -0.29 9.58 -6.09
C PRO B 8 0.05 10.83 -6.91
N VAL B 9 -0.69 11.91 -6.70
CA VAL B 9 -0.39 13.10 -7.44
C VAL B 9 1.04 13.57 -7.22
N TYR B 10 1.58 13.36 -6.03
CA TYR B 10 2.95 13.79 -5.73
C TYR B 10 4.04 13.14 -6.57
N TYR B 11 3.77 11.95 -7.11
CA TYR B 11 4.74 11.28 -7.95
C TYR B 11 4.85 12.01 -9.28
N GLN B 12 3.74 12.59 -9.72
CA GLN B 12 3.71 13.32 -10.97
C GLN B 12 4.26 14.73 -10.79
N LEU B 13 4.19 15.25 -9.57
CA LEU B 13 4.71 16.59 -9.31
C LEU B 13 6.22 16.51 -9.10
N ALA B 14 6.65 15.40 -8.52
CA ALA B 14 8.05 15.10 -8.24
C ALA B 14 9.01 15.82 -9.19
N GLU B 15 8.87 15.58 -10.48
CA GLU B 15 9.72 16.25 -11.45
C GLU B 15 9.67 17.74 -11.24
N TYR B 16 8.46 18.28 -11.13
CA TYR B 16 8.27 19.72 -10.97
C TYR B 16 9.02 20.34 -9.79
N PHE B 17 8.87 19.79 -8.58
CA PHE B 17 9.55 20.36 -7.43
C PHE B 17 11.07 20.28 -7.56
N ASP B 18 11.56 19.15 -8.05
CA ASP B 18 12.99 18.95 -8.19
C ASP B 18 13.57 19.94 -9.24
N SER B 19 12.74 20.37 -10.18
CA SER B 19 13.23 21.27 -11.23
C SER B 19 13.27 22.74 -10.83
N LEU B 20 12.63 23.08 -9.73
CA LEU B 20 12.60 24.48 -9.29
C LEU B 20 13.97 24.97 -8.81
N PRO B 21 14.26 26.27 -9.01
CA PRO B 21 15.55 26.78 -8.56
C PRO B 21 15.67 26.56 -7.05
N LYS B 22 16.89 26.26 -6.60
CA LYS B 22 17.12 26.04 -5.17
C LYS B 22 17.81 27.27 -4.58
N PHE B 23 17.53 27.58 -3.32
CA PHE B 23 18.10 28.76 -2.68
C PHE B 23 19.62 28.80 -2.72
N ASP B 24 20.25 27.64 -2.62
CA ASP B 24 21.71 27.57 -2.59
C ASP B 24 22.34 27.60 -3.98
N GLN B 25 21.55 27.90 -5.01
CA GLN B 25 22.10 28.00 -6.36
C GLN B 25 22.38 29.49 -6.67
N PHE B 26 22.16 30.35 -5.67
CA PHE B 26 22.37 31.80 -5.81
C PHE B 26 23.19 32.35 -4.65
N SER B 27 23.83 33.50 -4.82
CA SER B 27 24.66 34.06 -3.76
C SER B 27 23.90 35.06 -2.92
N SER B 28 22.68 35.39 -3.33
CA SER B 28 21.86 36.34 -2.57
C SER B 28 20.39 35.86 -2.50
N ALA B 29 19.69 36.24 -1.44
CA ALA B 29 18.29 35.89 -1.32
C ALA B 29 17.51 36.65 -2.42
N ARG B 30 18.04 37.81 -2.76
CA ARG B 30 17.43 38.65 -3.79
C ARG B 30 17.30 37.89 -5.13
N GLU B 31 18.39 37.30 -5.61
CA GLU B 31 18.32 36.58 -6.89
C GLU B 31 17.51 35.30 -6.80
N TYR B 32 17.63 34.58 -5.69
CA TYR B 32 16.84 33.37 -5.53
C TYR B 32 15.36 33.75 -5.63
N ARG B 33 15.00 34.82 -4.93
CA ARG B 33 13.63 35.33 -4.90
C ARG B 33 13.15 35.69 -6.33
N GLU B 34 13.99 36.40 -7.08
CA GLU B 34 13.62 36.78 -8.44
C GLU B 34 13.40 35.53 -9.31
N ALA B 35 14.29 34.57 -9.20
CA ALA B 35 14.18 33.37 -10.00
C ALA B 35 12.90 32.57 -9.68
N ILE B 36 12.65 32.34 -8.39
CA ILE B 36 11.50 31.55 -7.97
C ILE B 36 10.18 32.32 -8.08
N ASN B 37 10.15 33.58 -7.68
CA ASN B 37 8.90 34.31 -7.77
C ASN B 37 8.40 34.40 -9.22
N ARG B 38 9.33 34.49 -10.16
CA ARG B 38 8.95 34.57 -11.57
C ARG B 38 8.15 33.33 -12.00
N ILE B 39 8.60 32.15 -11.59
CA ILE B 39 7.89 30.93 -11.96
C ILE B 39 6.50 30.89 -11.28
N TYR B 40 6.42 31.15 -9.98
CA TYR B 40 5.12 31.15 -9.28
C TYR B 40 4.14 32.19 -9.83
N GLU B 41 4.66 33.38 -10.12
CA GLU B 41 3.77 34.42 -10.64
C GLU B 41 3.19 34.03 -12.01
N GLU B 42 4.02 33.44 -12.87
CA GLU B 42 3.55 32.99 -14.18
C GLU B 42 2.52 31.85 -14.06
N ARG B 43 2.81 30.86 -13.22
CA ARG B 43 1.83 29.80 -13.05
C ARG B 43 0.49 30.42 -12.55
N ASN B 44 0.57 31.35 -11.59
CA ASN B 44 -0.66 31.98 -11.07
C ASN B 44 -1.42 32.73 -12.15
N ARG B 45 -0.69 33.36 -13.07
CA ARG B 45 -1.33 34.11 -14.18
C ARG B 45 -2.25 33.17 -14.96
N GLN B 46 -1.77 31.98 -15.24
CA GLN B 46 -2.58 30.98 -15.93
C GLN B 46 -3.79 30.55 -15.06
N LEU B 47 -3.56 30.25 -13.79
CA LEU B 47 -4.62 29.79 -12.89
C LEU B 47 -5.71 30.82 -12.65
N SER B 48 -5.32 32.07 -12.47
CA SER B 48 -6.29 33.13 -12.20
C SER B 48 -7.29 33.30 -13.35
N GLN B 49 -6.97 32.79 -14.54
CA GLN B 49 -7.90 32.86 -15.66
C GLN B 49 -9.17 32.10 -15.30
N HIS B 50 -9.03 31.07 -14.46
CA HIS B 50 -10.17 30.28 -14.05
C HIS B 50 -10.73 30.69 -12.70
N GLU B 51 -10.33 31.85 -12.21
CA GLU B 51 -10.82 32.32 -10.92
C GLU B 51 -11.21 33.80 -11.04
N ARG B 52 -12.29 34.06 -11.78
CA ARG B 52 -12.77 35.42 -11.99
C ARG B 52 -13.37 36.00 -10.71
N VAL B 53 -13.06 37.27 -10.45
CA VAL B 53 -13.59 37.96 -9.29
C VAL B 53 -14.18 39.30 -9.76
N GLU B 54 -15.39 39.63 -9.31
CA GLU B 54 -16.05 40.87 -9.75
C GLU B 54 -15.11 42.05 -9.79
N ARG B 55 -14.43 42.27 -8.67
CA ARG B 55 -13.52 43.39 -8.58
C ARG B 55 -12.22 43.07 -7.82
N VAL B 56 -11.12 43.55 -8.38
CA VAL B 56 -9.79 43.36 -7.81
C VAL B 56 -9.02 44.70 -7.91
N GLU B 57 -8.70 45.30 -6.79
CA GLU B 57 -8.02 46.59 -6.80
C GLU B 57 -6.77 46.60 -5.93
N ASP B 58 -5.69 47.20 -6.41
CA ASP B 58 -4.47 47.31 -5.62
C ASP B 58 -4.46 48.69 -4.92
N ARG B 59 -4.20 48.68 -3.61
CA ARG B 59 -4.19 49.86 -2.75
C ARG B 59 -2.86 50.02 -2.04
N THR B 60 -2.57 51.25 -1.62
CA THR B 60 -1.36 51.50 -0.86
C THR B 60 -1.80 52.14 0.45
N ILE B 61 -1.33 51.60 1.57
CA ILE B 61 -1.73 52.15 2.84
C ILE B 61 -0.54 52.53 3.68
N LYS B 62 -0.78 53.37 4.65
CA LYS B 62 0.29 53.82 5.50
C LYS B 62 0.52 52.92 6.72
N GLY B 63 1.70 52.32 6.79
CA GLY B 63 2.05 51.50 7.93
C GLY B 63 3.19 52.22 8.64
N ARG B 64 3.55 51.77 9.84
CA ARG B 64 4.64 52.41 10.59
C ARG B 64 5.99 52.27 9.85
N ASN B 65 6.06 51.30 8.94
CA ASN B 65 7.31 51.10 8.21
C ASN B 65 7.31 51.84 6.88
N GLY B 66 6.18 52.43 6.52
CA GLY B 66 6.09 53.12 5.25
C GLY B 66 4.88 52.59 4.48
N ASP B 67 4.94 52.65 3.15
CA ASP B 67 3.83 52.18 2.35
C ASP B 67 3.71 50.65 2.42
N ILE B 68 2.47 50.20 2.35
CA ILE B 68 2.23 48.78 2.27
C ILE B 68 1.22 48.57 1.17
N ARG B 69 1.59 47.79 0.17
CA ARG B 69 0.66 47.49 -0.91
C ARG B 69 -0.24 46.31 -0.50
N VAL B 70 -1.53 46.42 -0.77
CA VAL B 70 -2.45 45.34 -0.50
C VAL B 70 -3.35 45.15 -1.75
N ARG B 71 -3.80 43.92 -1.99
CA ARG B 71 -4.70 43.69 -3.10
C ARG B 71 -6.07 43.32 -2.54
N VAL B 72 -7.09 44.09 -2.89
CA VAL B 72 -8.44 43.84 -2.48
C VAL B 72 -9.20 43.04 -3.56
N TYR B 73 -9.72 41.88 -3.16
CA TYR B 73 -10.49 41.03 -4.07
C TYR B 73 -11.91 41.03 -3.51
N GLN B 74 -12.85 41.64 -4.23
CA GLN B 74 -14.20 41.63 -3.73
C GLN B 74 -15.15 41.02 -4.75
N GLN B 75 -15.77 39.90 -4.35
CA GLN B 75 -16.70 39.23 -5.22
C GLN B 75 -18.07 39.85 -5.03
N LYS B 76 -18.28 40.39 -3.83
CA LYS B 76 -19.51 41.11 -3.46
C LYS B 76 -19.27 42.07 -2.26
N PRO B 77 -19.95 43.24 -2.29
CA PRO B 77 -19.88 44.28 -1.25
C PRO B 77 -20.67 43.89 -0.02
N ASP B 78 -20.36 44.54 1.10
CA ASP B 78 -21.02 44.26 2.37
C ASP B 78 -20.90 42.80 2.76
N SER B 79 -19.69 42.28 2.63
CA SER B 79 -19.43 40.89 2.93
C SER B 79 -18.26 40.72 3.90
N PRO B 80 -18.10 39.52 4.47
CA PRO B 80 -17.01 39.23 5.40
C PRO B 80 -15.67 39.39 4.64
N VAL B 81 -14.61 39.62 5.40
CA VAL B 81 -13.27 39.78 4.79
C VAL B 81 -12.27 38.87 5.43
N LEU B 82 -11.37 38.36 4.60
CA LEU B 82 -10.27 37.58 5.08
C LEU B 82 -9.00 38.38 4.77
N VAL B 83 -8.26 38.76 5.79
CA VAL B 83 -6.98 39.46 5.56
C VAL B 83 -5.95 38.31 5.48
N TYR B 84 -5.34 38.19 4.32
CA TYR B 84 -4.43 37.09 4.03
C TYR B 84 -2.96 37.52 3.93
N TYR B 85 -2.07 36.66 4.41
CA TYR B 85 -0.62 36.88 4.36
C TYR B 85 0.02 35.65 3.70
N HIS B 86 0.61 35.84 2.54
CA HIS B 86 1.20 34.74 1.80
C HIS B 86 2.38 34.07 2.52
N GLY B 87 2.75 32.87 2.08
CA GLY B 87 3.88 32.14 2.64
C GLY B 87 5.17 32.50 1.92
N GLY B 88 6.22 31.72 2.14
CA GLY B 88 7.49 32.00 1.53
C GLY B 88 8.65 32.27 2.49
N GLY B 89 8.61 31.65 3.66
CA GLY B 89 9.68 31.79 4.64
C GLY B 89 10.05 33.20 5.08
N PHE B 90 9.13 34.16 4.91
CA PHE B 90 9.41 35.56 5.25
C PHE B 90 10.45 36.16 4.27
N VAL B 91 10.90 35.36 3.30
CA VAL B 91 11.91 35.81 2.35
C VAL B 91 11.43 35.90 0.89
N ILE B 92 10.58 34.96 0.48
CA ILE B 92 10.12 34.94 -0.89
C ILE B 92 8.61 35.03 -1.05
N CYS B 93 8.17 34.80 -2.26
CA CYS B 93 6.74 34.87 -2.63
C CYS B 93 6.22 36.27 -2.60
N SER B 94 4.94 36.41 -2.95
CA SER B 94 4.34 37.73 -3.00
C SER B 94 2.82 37.70 -3.12
N ILE B 95 2.24 38.87 -3.37
CA ILE B 95 0.80 38.90 -3.59
C ILE B 95 0.47 38.09 -4.88
N GLU B 96 1.35 38.21 -5.88
CA GLU B 96 1.20 37.56 -7.18
C GLU B 96 1.31 36.04 -7.10
N SER B 97 2.17 35.53 -6.22
CA SER B 97 2.34 34.07 -6.12
C SER B 97 1.15 33.37 -5.43
N HIS B 98 0.28 34.16 -4.82
CA HIS B 98 -0.89 33.64 -4.12
C HIS B 98 -2.17 34.26 -4.65
N ASP B 99 -2.08 34.84 -5.84
CA ASP B 99 -3.23 35.50 -6.45
C ASP B 99 -4.37 34.51 -6.75
N ALA B 100 -4.05 33.38 -7.35
CA ALA B 100 -5.08 32.40 -7.71
C ALA B 100 -5.82 31.87 -6.46
N LEU B 101 -5.06 31.58 -5.39
CA LEU B 101 -5.67 31.10 -4.15
C LEU B 101 -6.63 32.14 -3.60
N CYS B 102 -6.14 33.37 -3.47
CA CYS B 102 -6.98 34.47 -2.96
C CYS B 102 -8.24 34.70 -3.83
N ARG B 103 -8.08 34.72 -5.15
CA ARG B 103 -9.23 34.89 -6.03
C ARG B 103 -10.22 33.77 -5.75
N ARG B 104 -9.70 32.54 -5.63
CA ARG B 104 -10.57 31.38 -5.42
C ARG B 104 -11.35 31.52 -4.13
N ILE B 105 -10.69 31.96 -3.06
CA ILE B 105 -11.41 32.12 -1.81
C ILE B 105 -12.51 33.21 -1.95
N ALA B 106 -12.16 34.37 -2.51
CA ALA B 106 -13.16 35.44 -2.64
C ALA B 106 -14.33 35.02 -3.55
N ARG B 107 -14.01 34.35 -4.64
CA ARG B 107 -15.04 33.93 -5.60
C ARG B 107 -16.02 32.92 -4.97
N LEU B 108 -15.52 31.81 -4.43
CA LEU B 108 -16.36 30.77 -3.83
C LEU B 108 -17.22 31.29 -2.70
N SER B 109 -16.67 32.18 -1.87
CA SER B 109 -17.36 32.73 -0.70
C SER B 109 -18.20 33.97 -1.02
N ASN B 110 -18.15 34.48 -2.24
CA ASN B 110 -18.90 35.69 -2.58
C ASN B 110 -18.56 36.80 -1.59
N SER B 111 -17.33 36.80 -1.09
CA SER B 111 -16.94 37.82 -0.11
C SER B 111 -15.68 38.56 -0.50
N THR B 112 -14.94 39.01 0.51
CA THR B 112 -13.74 39.81 0.29
C THR B 112 -12.44 39.23 0.90
N VAL B 113 -11.36 39.42 0.16
CA VAL B 113 -10.04 39.00 0.61
C VAL B 113 -9.09 40.16 0.40
N VAL B 114 -8.25 40.41 1.39
CA VAL B 114 -7.26 41.47 1.28
C VAL B 114 -5.88 40.81 1.52
N SER B 115 -5.08 40.71 0.48
CA SER B 115 -3.75 40.09 0.52
C SER B 115 -2.71 41.22 0.76
N VAL B 116 -1.85 40.99 1.75
CA VAL B 116 -0.85 41.95 2.16
C VAL B 116 0.55 41.66 1.61
N ASP B 117 1.11 42.67 0.96
CA ASP B 117 2.45 42.60 0.40
C ASP B 117 3.44 43.13 1.47
N TYR B 118 3.64 42.32 2.51
CA TYR B 118 4.50 42.68 3.65
C TYR B 118 6.00 42.67 3.29
N ARG B 119 6.77 43.48 4.01
CA ARG B 119 8.21 43.57 3.75
C ARG B 119 8.90 42.23 3.96
N LEU B 120 9.77 41.88 3.02
CA LEU B 120 10.51 40.63 3.03
C LEU B 120 11.93 40.74 3.60
N ALA B 121 12.43 39.61 4.10
CA ALA B 121 13.77 39.49 4.65
C ALA B 121 14.65 38.92 3.56
N PRO B 122 15.97 39.12 3.65
CA PRO B 122 16.69 39.84 4.71
C PRO B 122 16.66 41.38 4.66
N GLU B 123 16.20 41.97 3.56
CA GLU B 123 16.15 43.41 3.48
C GLU B 123 15.47 44.01 4.72
N HIS B 124 14.35 43.42 5.13
CA HIS B 124 13.62 43.88 6.32
C HIS B 124 13.41 42.73 7.34
N LYS B 125 14.34 42.63 8.27
CA LYS B 125 14.33 41.61 9.31
C LYS B 125 13.13 41.71 10.24
N PHE B 126 12.88 40.61 10.95
CA PHE B 126 11.83 40.56 11.97
C PHE B 126 12.08 41.75 12.89
N PRO B 127 11.04 42.40 13.37
CA PRO B 127 9.60 42.23 13.20
C PRO B 127 8.93 43.08 12.07
N ALA B 128 9.66 43.45 11.02
CA ALA B 128 9.06 44.29 9.99
C ALA B 128 7.76 43.67 9.38
N ALA B 129 7.83 42.42 8.90
CA ALA B 129 6.66 41.76 8.32
C ALA B 129 5.47 41.75 9.29
N VAL B 130 5.73 41.42 10.56
CA VAL B 130 4.68 41.38 11.58
C VAL B 130 3.95 42.71 11.72
N TYR B 131 4.72 43.79 11.77
CA TYR B 131 4.09 45.10 11.91
C TYR B 131 3.31 45.49 10.65
N ASP B 132 3.87 45.17 9.48
CA ASP B 132 3.17 45.48 8.21
C ASP B 132 1.82 44.73 8.19
N CYS B 133 1.87 43.46 8.60
CA CYS B 133 0.66 42.65 8.59
C CYS B 133 -0.34 43.17 9.60
N TYR B 134 0.11 43.65 10.76
CA TYR B 134 -0.82 44.16 11.78
C TYR B 134 -1.42 45.48 11.28
N ASP B 135 -0.54 46.34 10.77
CA ASP B 135 -0.95 47.64 10.28
C ASP B 135 -2.02 47.54 9.18
N ALA B 136 -1.86 46.57 8.28
CA ALA B 136 -2.84 46.44 7.21
C ALA B 136 -4.17 45.90 7.74
N THR B 137 -4.08 45.03 8.73
CA THR B 137 -5.27 44.41 9.31
C THR B 137 -6.06 45.43 10.10
N LYS B 138 -5.36 46.27 10.87
CA LYS B 138 -6.05 47.31 11.64
C LYS B 138 -6.68 48.31 10.64
N TRP B 139 -5.95 48.60 9.56
CA TRP B 139 -6.41 49.49 8.52
C TRP B 139 -7.72 49.00 7.95
N VAL B 140 -7.76 47.71 7.58
CA VAL B 140 -8.97 47.11 7.04
C VAL B 140 -10.14 47.35 7.99
N ALA B 141 -9.86 47.16 9.28
CA ALA B 141 -10.86 47.32 10.33
C ALA B 141 -11.31 48.79 10.52
N GLU B 142 -10.40 49.74 10.32
CA GLU B 142 -10.76 51.16 10.51
C GLU B 142 -11.39 51.77 9.27
N ASN B 143 -11.26 51.07 8.15
CA ASN B 143 -11.80 51.54 6.89
C ASN B 143 -12.89 50.60 6.34
N ALA B 144 -13.69 50.02 7.24
CA ALA B 144 -14.74 49.09 6.84
C ALA B 144 -15.66 49.67 5.77
N GLU B 145 -16.31 50.78 6.10
CA GLU B 145 -17.26 51.43 5.19
C GLU B 145 -16.72 51.67 3.78
N GLU B 146 -15.54 52.30 3.67
CA GLU B 146 -14.91 52.56 2.38
C GLU B 146 -14.54 51.28 1.60
N LEU B 147 -14.32 50.21 2.35
CA LEU B 147 -13.98 48.94 1.74
C LEU B 147 -15.25 48.15 1.50
N ARG B 148 -16.35 48.66 2.05
CA ARG B 148 -17.63 47.97 1.93
C ARG B 148 -17.44 46.52 2.43
N ILE B 149 -16.91 46.44 3.65
CA ILE B 149 -16.64 45.21 4.35
C ILE B 149 -17.45 45.14 5.67
N ASP B 150 -17.91 43.95 6.05
CA ASP B 150 -18.64 43.77 7.29
C ASP B 150 -17.63 43.86 8.46
N PRO B 151 -17.65 44.97 9.23
CA PRO B 151 -16.71 45.13 10.35
C PRO B 151 -16.85 44.09 11.44
N SER B 152 -18.01 43.44 11.49
CA SER B 152 -18.24 42.41 12.49
C SER B 152 -17.73 41.03 12.02
N LYS B 153 -17.22 40.93 10.79
CA LYS B 153 -16.69 39.63 10.35
C LYS B 153 -15.35 39.75 9.64
N ILE B 154 -14.33 40.09 10.42
CA ILE B 154 -12.99 40.23 9.90
C ILE B 154 -12.16 39.05 10.33
N PHE B 155 -11.58 38.33 9.38
CA PHE B 155 -10.77 37.15 9.71
C PHE B 155 -9.36 37.34 9.21
N VAL B 156 -8.42 36.63 9.81
CA VAL B 156 -7.03 36.69 9.37
C VAL B 156 -6.56 35.25 9.10
N GLY B 157 -5.57 35.11 8.22
CA GLY B 157 -5.05 33.81 7.87
C GLY B 157 -3.85 33.90 6.94
N GLY B 158 -3.16 32.78 6.77
CA GLY B 158 -2.00 32.75 5.91
C GLY B 158 -1.47 31.33 5.90
N ASP B 159 -0.60 31.02 4.94
CA ASP B 159 0.00 29.68 4.83
C ASP B 159 1.49 29.75 5.15
N SER B 160 1.98 28.77 5.94
CA SER B 160 3.41 28.70 6.30
C SER B 160 3.83 29.93 7.10
N ALA B 161 4.77 30.70 6.57
CA ALA B 161 5.19 31.92 7.26
C ALA B 161 3.96 32.82 7.38
N GLY B 162 3.06 32.68 6.41
CA GLY B 162 1.83 33.46 6.45
C GLY B 162 0.94 33.00 7.61
N GLY B 163 1.01 31.71 7.96
CA GLY B 163 0.22 31.21 9.10
C GLY B 163 0.79 31.80 10.39
N ASN B 164 2.12 31.87 10.45
CA ASN B 164 2.82 32.49 11.58
C ASN B 164 2.39 33.95 11.75
N LEU B 165 2.38 34.69 10.65
CA LEU B 165 2.01 36.11 10.72
C LEU B 165 0.56 36.30 11.13
N ALA B 166 -0.32 35.41 10.69
CA ALA B 166 -1.71 35.56 11.11
C ALA B 166 -1.83 35.34 12.63
N ALA B 167 -0.99 34.44 13.15
CA ALA B 167 -1.00 34.16 14.59
C ALA B 167 -0.41 35.37 15.36
N ALA B 168 0.65 35.98 14.81
CA ALA B 168 1.28 37.15 15.45
C ALA B 168 0.35 38.36 15.39
N VAL B 169 -0.32 38.53 14.26
CA VAL B 169 -1.25 39.64 14.14
C VAL B 169 -2.36 39.52 15.22
N SER B 170 -2.84 38.29 15.43
CA SER B 170 -3.90 38.04 16.41
C SER B 170 -3.40 38.39 17.83
N ILE B 171 -2.22 37.90 18.16
CA ILE B 171 -1.59 38.16 19.43
C ILE B 171 -1.41 39.69 19.62
N MET B 172 -0.85 40.36 18.60
CA MET B 172 -0.62 41.78 18.69
C MET B 172 -1.93 42.56 18.90
N ALA B 173 -3.01 42.14 18.24
CA ALA B 173 -4.31 42.81 18.42
C ALA B 173 -4.85 42.56 19.85
N ARG B 174 -4.72 41.33 20.35
CA ARG B 174 -5.18 41.06 21.71
C ARG B 174 -4.34 41.93 22.66
N ASP B 175 -3.02 41.90 22.53
CA ASP B 175 -2.18 42.72 23.40
C ASP B 175 -2.63 44.18 23.45
N SER B 176 -3.09 44.70 22.32
CA SER B 176 -3.52 46.08 22.24
C SER B 176 -4.97 46.27 22.64
N GLY B 177 -5.61 45.21 23.10
CA GLY B 177 -6.99 45.33 23.49
C GLY B 177 -7.93 45.50 22.29
N GLU B 178 -7.46 45.16 21.08
CA GLU B 178 -8.30 45.27 19.89
C GLU B 178 -9.09 43.94 19.77
N ASP B 179 -10.40 44.02 19.56
CA ASP B 179 -11.20 42.80 19.45
C ASP B 179 -11.85 42.64 18.07
N PHE B 180 -11.22 43.17 17.02
CA PHE B 180 -11.84 43.10 15.70
C PHE B 180 -11.61 41.77 14.93
N ILE B 181 -10.63 40.96 15.34
CA ILE B 181 -10.39 39.71 14.65
C ILE B 181 -11.36 38.63 15.15
N LYS B 182 -12.19 38.08 14.27
CA LYS B 182 -13.15 37.06 14.70
C LYS B 182 -12.66 35.62 14.54
N HIS B 183 -11.63 35.41 13.73
CA HIS B 183 -11.16 34.05 13.49
C HIS B 183 -9.78 34.09 12.90
N GLN B 184 -8.95 33.14 13.29
CA GLN B 184 -7.64 33.07 12.71
C GLN B 184 -7.51 31.69 12.01
N ILE B 185 -6.98 31.71 10.78
CA ILE B 185 -6.83 30.51 9.99
C ILE B 185 -5.37 30.29 9.69
N LEU B 186 -4.79 29.28 10.32
CA LEU B 186 -3.38 29.02 10.15
C LEU B 186 -3.18 27.80 9.31
N ILE B 187 -2.63 27.98 8.13
CA ILE B 187 -2.37 26.87 7.23
C ILE B 187 -0.91 26.49 7.35
N TYR B 188 -0.68 25.23 7.79
CA TYR B 188 0.64 24.68 8.11
C TYR B 188 1.64 25.76 8.52
N PRO B 189 1.33 26.45 9.63
CA PRO B 189 2.18 27.52 10.16
C PRO B 189 3.46 27.07 10.84
N VAL B 190 4.40 28.02 10.95
CA VAL B 190 5.63 27.84 11.72
C VAL B 190 5.28 28.57 13.00
N VAL B 191 5.48 27.96 14.16
CA VAL B 191 5.13 28.65 15.40
C VAL B 191 6.29 28.63 16.39
N ASN B 192 7.36 27.92 16.05
CA ASN B 192 8.51 27.83 16.93
C ASN B 192 9.83 27.89 16.17
N PHE B 193 10.66 28.88 16.47
CA PHE B 193 11.94 29.01 15.74
C PHE B 193 13.15 28.45 16.50
N VAL B 194 12.92 27.93 17.70
CA VAL B 194 14.00 27.39 18.50
C VAL B 194 13.90 25.83 18.64
N ALA B 195 12.97 25.36 19.44
CA ALA B 195 12.81 23.93 19.69
C ALA B 195 12.44 23.06 18.47
N PRO B 196 12.95 21.83 18.46
CA PRO B 196 12.70 20.85 17.39
C PRO B 196 11.47 19.98 17.82
N THR B 197 11.01 19.12 16.91
CA THR B 197 9.87 18.24 17.19
C THR B 197 10.08 16.92 16.47
N PRO B 198 9.27 15.89 16.81
CA PRO B 198 9.47 14.61 16.12
C PRO B 198 9.35 14.80 14.59
N SER B 199 8.25 15.38 14.12
CA SER B 199 8.06 15.58 12.68
C SER B 199 9.21 16.40 12.08
N LEU B 200 9.65 17.42 12.81
CA LEU B 200 10.73 18.28 12.34
C LEU B 200 11.99 17.41 12.07
N LEU B 201 12.25 16.48 12.98
CA LEU B 201 13.39 15.57 12.86
C LEU B 201 13.11 14.55 11.74
N GLU B 202 11.92 13.95 11.80
CA GLU B 202 11.48 12.96 10.85
C GLU B 202 11.61 13.44 9.40
N PHE B 203 10.77 14.42 9.05
CA PHE B 203 10.71 14.96 7.70
C PHE B 203 11.67 16.13 7.46
N GLY B 204 12.71 16.24 8.28
CA GLY B 204 13.69 17.31 8.15
C GLY B 204 14.39 17.27 6.80
N GLU B 205 14.38 16.10 6.17
CA GLU B 205 14.98 15.90 4.85
C GLU B 205 14.40 14.60 4.23
N GLY B 206 14.80 14.28 3.00
CA GLY B 206 14.29 13.08 2.37
C GLY B 206 12.90 13.37 1.80
N LEU B 207 12.12 14.17 2.53
CA LEU B 207 10.79 14.53 2.08
C LEU B 207 10.85 15.77 1.20
N TRP B 208 9.98 15.80 0.18
CA TRP B 208 9.92 16.90 -0.76
C TRP B 208 9.69 18.25 -0.09
N ILE B 209 9.88 19.27 -0.91
CA ILE B 209 9.66 20.66 -0.55
C ILE B 209 10.42 21.17 0.71
N LEU B 210 9.72 21.37 1.82
CA LEU B 210 10.34 21.91 3.02
C LEU B 210 11.42 21.00 3.66
N ASP B 211 12.68 21.45 3.62
CA ASP B 211 13.79 20.70 4.21
C ASP B 211 14.55 21.56 5.24
N GLN B 212 15.11 20.91 6.27
CA GLN B 212 15.83 21.59 7.34
C GLN B 212 16.80 22.65 6.79
N LYS B 213 17.51 22.29 5.73
CA LYS B 213 18.48 23.21 5.11
C LYS B 213 17.83 24.52 4.64
N ILE B 214 16.68 24.46 3.97
CA ILE B 214 16.06 25.69 3.51
C ILE B 214 15.43 26.42 4.68
N MET B 215 14.90 25.66 5.63
CA MET B 215 14.28 26.25 6.82
C MET B 215 15.33 26.97 7.66
N SER B 216 16.53 26.41 7.76
CA SER B 216 17.58 27.07 8.53
C SER B 216 17.99 28.34 7.80
N TRP B 217 18.02 28.26 6.48
CA TRP B 217 18.38 29.40 5.66
C TRP B 217 17.34 30.53 5.83
N PHE B 218 16.05 30.20 5.69
CA PHE B 218 15.00 31.21 5.87
C PHE B 218 15.18 31.92 7.19
N SER B 219 15.44 31.15 8.25
CA SER B 219 15.60 31.73 9.59
C SER B 219 16.77 32.69 9.66
N GLU B 220 17.86 32.33 8.99
CA GLU B 220 19.02 33.22 8.96
C GLU B 220 18.65 34.55 8.30
N GLN B 221 17.77 34.49 7.30
CA GLN B 221 17.41 35.72 6.61
C GLN B 221 16.45 36.55 7.43
N TYR B 222 15.61 35.86 8.20
CA TYR B 222 14.58 36.51 8.96
C TYR B 222 15.00 37.31 10.20
N PHE B 223 15.91 36.77 11.00
CA PHE B 223 16.31 37.46 12.25
C PHE B 223 17.69 38.13 12.18
N SER B 224 17.79 39.30 12.79
CA SER B 224 19.07 39.99 12.84
C SER B 224 19.79 39.54 14.12
N ARG B 225 19.03 39.37 15.20
CA ARG B 225 19.55 38.92 16.49
C ARG B 225 19.00 37.52 16.89
N GLU B 226 19.89 36.63 17.31
CA GLU B 226 19.50 35.28 17.72
C GLU B 226 18.40 35.30 18.82
N GLU B 227 18.52 36.25 19.73
CA GLU B 227 17.58 36.44 20.83
C GLU B 227 16.14 36.72 20.33
N ASP B 228 16.02 37.27 19.11
CA ASP B 228 14.71 37.60 18.56
C ASP B 228 13.88 36.33 18.29
N LYS B 229 14.55 35.21 18.11
CA LYS B 229 13.84 33.95 17.88
C LYS B 229 12.93 33.58 19.05
N PHE B 230 13.13 34.19 20.20
CA PHE B 230 12.32 33.88 21.36
C PHE B 230 11.22 34.90 21.56
N ASN B 231 11.20 35.92 20.70
CA ASN B 231 10.16 36.94 20.80
C ASN B 231 8.80 36.24 20.69
N PRO B 232 7.83 36.62 21.51
CA PRO B 232 6.57 35.89 21.33
C PRO B 232 5.81 36.21 20.03
N LEU B 233 6.34 37.15 19.24
CA LEU B 233 5.74 37.53 17.97
C LEU B 233 6.48 36.83 16.81
N ALA B 234 7.43 35.99 17.18
CA ALA B 234 8.13 35.16 16.21
C ALA B 234 7.74 33.70 16.59
N SER B 235 8.27 33.22 17.71
CA SER B 235 7.88 31.90 18.22
C SER B 235 6.58 32.12 19.01
N VAL B 236 5.46 32.23 18.29
CA VAL B 236 4.17 32.52 18.90
C VAL B 236 3.75 31.43 19.85
N ILE B 237 4.38 30.28 19.77
CA ILE B 237 4.00 29.24 20.71
C ILE B 237 4.35 29.68 22.18
N PHE B 238 5.20 30.69 22.33
CA PHE B 238 5.56 31.15 23.68
C PHE B 238 4.74 32.34 24.12
N ALA B 239 3.76 32.76 23.34
CA ALA B 239 2.98 33.92 23.71
C ALA B 239 1.86 33.57 24.68
N ASP B 240 1.27 34.60 25.25
CA ASP B 240 0.13 34.40 26.12
C ASP B 240 -1.07 34.18 25.18
N LEU B 241 -1.73 33.03 25.32
CA LEU B 241 -2.82 32.65 24.43
C LEU B 241 -4.22 33.08 24.86
N GLU B 242 -4.38 33.54 26.09
CA GLU B 242 -5.70 33.93 26.58
C GLU B 242 -6.42 34.93 25.68
N ASN B 243 -7.70 34.66 25.41
CA ASN B 243 -8.58 35.50 24.59
C ASN B 243 -8.16 35.69 23.11
N LEU B 244 -7.39 34.76 22.57
CA LEU B 244 -7.06 34.86 21.16
C LEU B 244 -8.30 34.50 20.34
N PRO B 245 -8.32 34.87 19.06
CA PRO B 245 -9.49 34.52 18.26
C PRO B 245 -9.60 32.96 18.05
N PRO B 246 -10.84 32.42 17.86
CA PRO B 246 -11.03 30.99 17.64
C PRO B 246 -10.17 30.66 16.40
N ALA B 247 -9.60 29.46 16.37
CA ALA B 247 -8.70 29.14 15.28
C ALA B 247 -9.07 27.88 14.47
N LEU B 248 -8.68 27.91 13.21
CA LEU B 248 -8.83 26.78 12.35
C LEU B 248 -7.40 26.51 11.94
N ILE B 249 -6.88 25.34 12.31
CA ILE B 249 -5.52 25.01 12.00
C ILE B 249 -5.48 23.81 11.06
N ILE B 250 -4.88 24.02 9.90
CA ILE B 250 -4.81 22.96 8.88
C ILE B 250 -3.38 22.48 8.74
N THR B 251 -3.13 21.18 8.86
CA THR B 251 -1.74 20.71 8.76
C THR B 251 -1.62 19.61 7.73
N ALA B 252 -0.39 19.40 7.25
CA ALA B 252 -0.10 18.37 6.28
C ALA B 252 0.60 17.23 6.99
N GLU B 253 0.22 16.00 6.68
CA GLU B 253 0.80 14.82 7.31
C GLU B 253 2.35 14.76 7.23
N TYR B 254 2.90 14.83 6.01
CA TYR B 254 4.35 14.75 5.77
C TYR B 254 4.97 16.14 5.70
N ASP B 255 5.15 16.74 6.85
CA ASP B 255 5.66 18.10 6.97
C ASP B 255 6.39 18.25 8.31
N PRO B 256 7.63 18.74 8.28
CA PRO B 256 8.43 18.93 9.49
C PRO B 256 7.74 19.81 10.53
N LEU B 257 6.96 20.78 10.04
CA LEU B 257 6.26 21.71 10.92
C LEU B 257 4.90 21.20 11.42
N ARG B 258 4.52 19.98 11.02
CA ARG B 258 3.23 19.45 11.42
C ARG B 258 3.00 19.42 12.96
N ASP B 259 3.87 18.73 13.69
CA ASP B 259 3.70 18.62 15.16
C ASP B 259 3.57 19.96 15.84
N GLU B 260 4.48 20.84 15.50
CA GLU B 260 4.53 22.20 16.02
C GLU B 260 3.16 22.91 15.91
N GLY B 261 2.59 22.92 14.71
CA GLY B 261 1.30 23.55 14.51
C GLY B 261 0.16 22.91 15.30
N GLU B 262 0.15 21.60 15.42
CA GLU B 262 -0.91 20.90 16.19
C GLU B 262 -0.84 21.16 17.71
N VAL B 263 0.37 21.23 18.23
CA VAL B 263 0.56 21.55 19.66
C VAL B 263 0.08 22.97 19.91
N PHE B 264 0.32 23.87 18.95
CA PHE B 264 -0.15 25.24 19.12
C PHE B 264 -1.64 25.15 19.25
N GLY B 265 -2.26 24.30 18.43
CA GLY B 265 -3.70 24.12 18.52
C GLY B 265 -4.14 23.60 19.89
N GLN B 266 -3.42 22.60 20.39
CA GLN B 266 -3.72 22.01 21.72
C GLN B 266 -3.60 23.09 22.81
N MET B 267 -2.58 23.93 22.69
CA MET B 267 -2.37 25.00 23.67
C MET B 267 -3.47 26.04 23.61
N LEU B 268 -3.94 26.39 22.40
CA LEU B 268 -5.04 27.35 22.34
C LEU B 268 -6.24 26.83 23.15
N ARG B 269 -6.54 25.55 22.96
CA ARG B 269 -7.65 24.91 23.67
C ARG B 269 -7.41 24.97 25.22
N ARG B 270 -6.19 24.67 25.67
CA ARG B 270 -5.94 24.74 27.10
C ARG B 270 -6.15 26.14 27.62
N ALA B 271 -5.76 27.11 26.81
CA ALA B 271 -5.90 28.52 27.20
C ALA B 271 -7.35 28.96 27.06
N GLY B 272 -8.24 28.01 26.79
CA GLY B 272 -9.64 28.36 26.65
C GLY B 272 -10.02 28.96 25.30
N VAL B 273 -9.18 28.78 24.30
CA VAL B 273 -9.55 29.33 22.98
C VAL B 273 -10.12 28.19 22.11
N GLU B 274 -11.31 28.39 21.56
CA GLU B 274 -11.88 27.37 20.70
C GLU B 274 -10.98 27.19 19.46
N ALA B 275 -10.73 25.94 19.08
CA ALA B 275 -9.87 25.66 17.96
C ALA B 275 -10.16 24.28 17.33
N SER B 276 -9.97 24.18 16.01
CA SER B 276 -10.10 22.92 15.27
C SER B 276 -8.72 22.62 14.66
N ILE B 277 -8.18 21.43 14.89
CA ILE B 277 -6.89 21.04 14.35
C ILE B 277 -7.13 19.91 13.35
N VAL B 278 -6.92 20.23 12.07
CA VAL B 278 -7.20 19.26 11.04
C VAL B 278 -5.98 18.87 10.24
N ARG B 279 -5.64 17.59 10.31
CA ARG B 279 -4.53 17.07 9.57
C ARG B 279 -4.98 16.40 8.25
N TYR B 280 -4.49 16.91 7.12
CA TYR B 280 -4.80 16.27 5.82
C TYR B 280 -3.73 15.22 5.56
N ARG B 281 -4.16 13.98 5.39
CA ARG B 281 -3.21 12.90 5.15
C ARG B 281 -2.77 12.81 3.69
N GLY B 282 -1.62 12.18 3.48
CA GLY B 282 -1.10 12.00 2.15
C GLY B 282 -0.53 13.22 1.48
N VAL B 283 -0.46 14.36 2.17
CA VAL B 283 0.06 15.58 1.50
C VAL B 283 1.25 16.25 2.22
N LEU B 284 1.97 17.10 1.50
CA LEU B 284 3.14 17.77 2.07
C LEU B 284 2.92 19.25 2.31
N HIS B 285 3.91 19.82 2.97
CA HIS B 285 3.88 21.24 3.27
C HIS B 285 3.63 21.99 1.95
N GLY B 286 2.85 23.07 2.02
CA GLY B 286 2.55 23.84 0.84
C GLY B 286 1.54 23.22 -0.11
N PHE B 287 0.78 22.22 0.34
CA PHE B 287 -0.13 21.56 -0.60
C PHE B 287 -1.31 22.40 -1.14
N ILE B 288 -1.74 23.43 -0.42
CA ILE B 288 -2.91 24.18 -0.82
C ILE B 288 -2.80 24.88 -2.22
N ASN B 289 -1.59 25.23 -2.66
CA ASN B 289 -1.46 25.89 -3.95
C ASN B 289 -1.60 24.94 -5.14
N TYR B 290 -1.65 23.63 -4.90
CA TYR B 290 -1.79 22.70 -6.00
C TYR B 290 -3.24 22.19 -6.15
N TYR B 291 -4.20 22.99 -5.72
CA TYR B 291 -5.62 22.63 -5.78
C TYR B 291 -6.11 22.16 -7.18
N PRO B 292 -5.51 22.67 -8.29
CA PRO B 292 -5.96 22.22 -9.63
C PRO B 292 -5.82 20.68 -9.84
N VAL B 293 -4.79 20.08 -9.25
CA VAL B 293 -4.55 18.65 -9.42
C VAL B 293 -4.65 17.80 -8.10
N LEU B 294 -4.93 18.43 -6.96
CA LEU B 294 -4.98 17.73 -5.67
C LEU B 294 -6.29 18.02 -4.91
N LYS B 295 -7.16 17.03 -4.81
CA LYS B 295 -8.45 17.23 -4.16
C LYS B 295 -8.28 17.78 -2.73
N ALA B 296 -7.29 17.25 -2.02
CA ALA B 296 -7.03 17.69 -0.65
C ALA B 296 -6.95 19.21 -0.59
N ALA B 297 -6.28 19.80 -1.58
CA ALA B 297 -6.08 21.24 -1.62
C ALA B 297 -7.41 21.98 -1.87
N ARG B 298 -8.29 21.42 -2.71
CA ARG B 298 -9.58 22.04 -2.94
C ARG B 298 -10.44 21.93 -1.69
N ASP B 299 -10.39 20.78 -1.02
CA ASP B 299 -11.20 20.64 0.21
C ASP B 299 -10.67 21.58 1.35
N ALA B 300 -9.36 21.71 1.48
CA ALA B 300 -8.80 22.64 2.49
C ALA B 300 -9.24 24.10 2.14
N ILE B 301 -9.20 24.46 0.86
CA ILE B 301 -9.62 25.81 0.48
C ILE B 301 -11.13 26.02 0.73
N ASN B 302 -11.91 24.97 0.50
CA ASN B 302 -13.35 25.01 0.74
C ASN B 302 -13.62 25.33 2.23
N GLN B 303 -12.75 24.85 3.11
CA GLN B 303 -12.91 25.08 4.55
C GLN B 303 -12.73 26.56 4.86
N ILE B 304 -11.77 27.18 4.20
CA ILE B 304 -11.51 28.60 4.44
C ILE B 304 -12.70 29.45 3.94
N ALA B 305 -13.16 29.21 2.71
CA ALA B 305 -14.28 29.94 2.13
C ALA B 305 -15.56 29.71 2.95
N ALA B 306 -15.74 28.47 3.43
CA ALA B 306 -16.92 28.14 4.22
C ALA B 306 -17.03 29.10 5.41
N LEU B 307 -15.90 29.39 6.05
CA LEU B 307 -15.92 30.31 7.19
C LEU B 307 -16.50 31.69 6.82
N LEU B 308 -16.18 32.17 5.62
CA LEU B 308 -16.68 33.45 5.17
C LEU B 308 -18.17 33.38 4.79
N VAL B 309 -18.63 32.23 4.31
CA VAL B 309 -20.03 32.09 3.91
C VAL B 309 -20.97 31.73 5.07
N PHE B 310 -20.52 30.85 5.95
CA PHE B 310 -21.39 30.35 7.02
C PHE B 310 -21.38 31.03 8.40
N ASP B 311 -22.35 30.57 9.20
CA ASP B 311 -22.67 30.88 10.61
C ASP B 311 -24.04 30.20 10.87
N MET C 1 31.51 -9.81 8.71
CA MET C 1 32.17 -10.84 7.87
C MET C 1 31.39 -12.16 7.88
N LEU C 2 31.96 -13.19 8.52
CA LEU C 2 31.34 -14.51 8.58
C LEU C 2 30.02 -14.46 9.37
N ASP C 3 29.84 -13.37 10.12
CA ASP C 3 28.59 -13.22 10.85
C ASP C 3 27.46 -12.93 9.81
N MET C 4 27.66 -13.48 8.61
CA MET C 4 26.73 -13.34 7.49
C MET C 4 26.54 -14.71 6.80
N PRO C 5 25.28 -15.19 6.71
CA PRO C 5 25.02 -16.48 6.07
C PRO C 5 25.05 -16.39 4.53
N ILE C 6 26.16 -15.90 3.97
CA ILE C 6 26.30 -15.78 2.52
C ILE C 6 26.62 -17.14 1.93
N ASP C 7 26.08 -17.49 0.78
CA ASP C 7 26.42 -18.79 0.22
C ASP C 7 27.97 -18.92 0.18
N PRO C 8 28.53 -20.03 0.68
CA PRO C 8 30.00 -20.20 0.69
C PRO C 8 30.68 -19.97 -0.66
N VAL C 9 30.00 -20.30 -1.75
CA VAL C 9 30.59 -20.11 -3.07
C VAL C 9 31.08 -18.67 -3.23
N TYR C 10 30.42 -17.73 -2.57
CA TYR C 10 30.81 -16.34 -2.69
C TYR C 10 32.21 -16.09 -2.15
N TYR C 11 32.70 -16.97 -1.29
CA TYR C 11 34.05 -16.80 -0.80
C TYR C 11 35.01 -17.28 -1.88
N GLN C 12 34.67 -18.40 -2.51
CA GLN C 12 35.47 -18.96 -3.59
C GLN C 12 35.52 -18.01 -4.80
N LEU C 13 34.55 -17.08 -4.88
CA LEU C 13 34.46 -16.12 -5.98
C LEU C 13 34.95 -14.72 -5.54
N ALA C 14 35.51 -14.65 -4.35
CA ALA C 14 36.03 -13.40 -3.81
C ALA C 14 37.17 -12.87 -4.67
N GLU C 15 38.10 -13.76 -5.00
CA GLU C 15 39.26 -13.44 -5.81
C GLU C 15 38.81 -12.89 -7.17
N TYR C 16 37.91 -13.63 -7.83
CA TYR C 16 37.39 -13.24 -9.14
C TYR C 16 36.77 -11.83 -9.16
N PHE C 17 35.74 -11.60 -8.35
CA PHE C 17 35.08 -10.29 -8.33
C PHE C 17 36.07 -9.15 -8.10
N ASP C 18 37.08 -9.43 -7.28
CA ASP C 18 38.07 -8.41 -6.95
C ASP C 18 39.01 -8.13 -8.10
N SER C 19 39.26 -9.15 -8.92
CA SER C 19 40.16 -9.02 -10.06
C SER C 19 39.56 -8.13 -11.17
N LEU C 20 38.31 -8.38 -11.55
CA LEU C 20 37.64 -7.63 -12.61
C LEU C 20 37.95 -6.12 -12.56
N PRO C 21 38.02 -5.48 -13.74
CA PRO C 21 38.30 -4.04 -13.83
C PRO C 21 37.15 -3.21 -13.23
N LYS C 22 37.48 -2.05 -12.69
CA LYS C 22 36.46 -1.20 -12.08
C LYS C 22 36.19 0.02 -12.96
N PHE C 23 34.95 0.49 -12.95
CA PHE C 23 34.59 1.61 -13.77
C PHE C 23 35.49 2.83 -13.48
N ASP C 24 35.84 3.01 -12.21
CA ASP C 24 36.64 4.16 -11.80
C ASP C 24 38.15 3.95 -11.96
N GLN C 25 38.54 3.34 -13.08
CA GLN C 25 39.93 3.14 -13.39
C GLN C 25 40.11 3.28 -14.90
N PHE C 26 39.15 3.98 -15.51
CA PHE C 26 39.12 4.29 -16.94
C PHE C 26 38.64 5.73 -17.15
N SER C 27 39.07 6.34 -18.25
CA SER C 27 38.74 7.72 -18.55
C SER C 27 37.30 7.93 -19.01
N SER C 28 36.61 6.85 -19.37
CA SER C 28 35.24 6.97 -19.81
C SER C 28 34.50 5.63 -19.77
N ALA C 29 33.19 5.70 -19.99
CA ALA C 29 32.33 4.52 -20.00
C ALA C 29 32.72 3.52 -21.10
N ARG C 30 32.98 4.02 -22.30
CA ARG C 30 33.34 3.16 -23.42
C ARG C 30 34.60 2.33 -23.17
N GLU C 31 35.59 2.92 -22.52
CA GLU C 31 36.82 2.19 -22.22
C GLU C 31 36.51 1.08 -21.20
N TYR C 32 35.77 1.44 -20.16
CA TYR C 32 35.38 0.48 -19.14
C TYR C 32 34.56 -0.66 -19.83
N ARG C 33 33.57 -0.25 -20.61
CA ARG C 33 32.72 -1.19 -21.33
C ARG C 33 33.56 -2.22 -22.10
N GLU C 34 34.51 -1.72 -22.86
CA GLU C 34 35.35 -2.60 -23.65
C GLU C 34 36.15 -3.59 -22.78
N ALA C 35 36.72 -3.10 -21.69
CA ALA C 35 37.50 -3.96 -20.80
C ALA C 35 36.62 -5.06 -20.13
N ILE C 36 35.59 -4.62 -19.40
CA ILE C 36 34.69 -5.54 -18.69
C ILE C 36 33.91 -6.49 -19.66
N ASN C 37 33.35 -5.96 -20.76
CA ASN C 37 32.60 -6.82 -21.68
C ASN C 37 33.48 -7.94 -22.25
N ARG C 38 34.71 -7.61 -22.59
CA ARG C 38 35.66 -8.60 -23.13
C ARG C 38 35.76 -9.83 -22.23
N ILE C 39 35.81 -9.59 -20.92
CA ILE C 39 35.90 -10.66 -19.93
C ILE C 39 34.59 -11.49 -19.86
N TYR C 40 33.44 -10.82 -19.75
CA TYR C 40 32.14 -11.53 -19.68
C TYR C 40 31.85 -12.33 -20.97
N GLU C 41 32.29 -11.81 -22.10
CA GLU C 41 32.03 -12.48 -23.36
C GLU C 41 32.93 -13.70 -23.55
N GLU C 42 34.15 -13.62 -23.04
CA GLU C 42 35.07 -14.73 -23.12
C GLU C 42 34.51 -15.84 -22.24
N ARG C 43 34.06 -15.46 -21.05
CA ARG C 43 33.48 -16.44 -20.14
C ARG C 43 32.22 -17.09 -20.79
N ASN C 44 31.37 -16.28 -21.40
CA ASN C 44 30.18 -16.82 -22.03
C ASN C 44 30.47 -17.79 -23.19
N ARG C 45 31.52 -17.54 -23.97
CA ARG C 45 31.83 -18.48 -25.03
C ARG C 45 32.16 -19.85 -24.43
N GLN C 46 32.88 -19.86 -23.31
CA GLN C 46 33.21 -21.10 -22.63
C GLN C 46 31.94 -21.79 -22.11
N LEU C 47 31.08 -21.04 -21.42
CA LEU C 47 29.85 -21.61 -20.87
C LEU C 47 28.82 -22.01 -21.94
N SER C 48 28.76 -21.29 -23.05
CA SER C 48 27.77 -21.63 -24.07
C SER C 48 28.05 -23.01 -24.73
N GLN C 49 29.26 -23.53 -24.54
CA GLN C 49 29.65 -24.83 -25.06
C GLN C 49 28.82 -25.93 -24.39
N HIS C 50 28.31 -25.64 -23.20
CA HIS C 50 27.51 -26.61 -22.45
C HIS C 50 26.00 -26.29 -22.52
N GLU C 51 25.62 -25.40 -23.42
CA GLU C 51 24.22 -25.02 -23.56
C GLU C 51 23.84 -25.06 -25.03
N ARG C 52 23.65 -26.27 -25.54
CA ARG C 52 23.31 -26.51 -26.93
C ARG C 52 21.89 -26.10 -27.32
N VAL C 53 21.81 -25.33 -28.38
CA VAL C 53 20.54 -24.85 -28.89
C VAL C 53 20.49 -25.13 -30.39
N GLU C 54 19.39 -25.76 -30.81
CA GLU C 54 19.17 -26.13 -32.20
C GLU C 54 19.48 -24.97 -33.18
N ARG C 55 18.80 -23.85 -33.00
CA ARG C 55 18.94 -22.67 -33.86
C ARG C 55 19.16 -21.37 -33.10
N VAL C 56 20.22 -20.66 -33.45
CA VAL C 56 20.54 -19.38 -32.84
C VAL C 56 20.78 -18.40 -33.98
N GLU C 57 19.79 -17.54 -34.21
CA GLU C 57 19.83 -16.61 -35.32
C GLU C 57 19.92 -15.13 -34.95
N ASP C 58 20.84 -14.44 -35.61
CA ASP C 58 21.02 -13.02 -35.42
C ASP C 58 20.32 -12.31 -36.57
N ARG C 59 19.42 -11.42 -36.20
CA ARG C 59 18.65 -10.64 -37.15
C ARG C 59 18.74 -9.19 -36.80
N THR C 60 18.58 -8.34 -37.80
CA THR C 60 18.56 -6.93 -37.54
C THR C 60 17.13 -6.48 -37.87
N ILE C 61 16.57 -5.59 -37.07
CA ILE C 61 15.20 -5.18 -37.34
C ILE C 61 14.99 -3.66 -37.27
N LYS C 62 13.85 -3.25 -37.81
CA LYS C 62 13.40 -1.86 -37.91
C LYS C 62 12.95 -1.23 -36.60
N GLY C 63 13.84 -0.51 -35.95
CA GLY C 63 13.44 0.17 -34.74
C GLY C 63 13.32 1.63 -35.11
N ARG C 64 12.60 2.42 -34.33
CA ARG C 64 12.49 3.82 -34.64
C ARG C 64 13.87 4.47 -34.64
N ASN C 65 14.73 4.04 -33.72
CA ASN C 65 16.09 4.58 -33.61
C ASN C 65 16.97 4.06 -34.72
N GLY C 66 16.45 3.13 -35.51
CA GLY C 66 17.24 2.57 -36.59
C GLY C 66 17.43 1.07 -36.42
N ASP C 67 18.51 0.54 -36.94
CA ASP C 67 18.79 -0.88 -36.83
C ASP C 67 18.89 -1.32 -35.38
N ILE C 68 18.27 -2.47 -35.08
CA ILE C 68 18.31 -3.09 -33.74
C ILE C 68 18.68 -4.56 -33.92
N ARG C 69 19.79 -5.01 -33.35
CA ARG C 69 20.10 -6.42 -33.50
C ARG C 69 19.39 -7.25 -32.43
N VAL C 70 18.93 -8.41 -32.83
CA VAL C 70 18.23 -9.32 -31.96
C VAL C 70 18.81 -10.74 -32.14
N ARG C 71 18.93 -11.49 -31.06
CA ARG C 71 19.41 -12.86 -31.17
C ARG C 71 18.27 -13.82 -30.76
N VAL C 72 17.85 -14.63 -31.74
CA VAL C 72 16.77 -15.60 -31.59
C VAL C 72 17.30 -17.00 -31.30
N TYR C 73 17.07 -17.49 -30.07
CA TYR C 73 17.46 -18.83 -29.67
C TYR C 73 16.20 -19.67 -29.68
N GLN C 74 16.14 -20.64 -30.58
CA GLN C 74 14.95 -21.48 -30.68
C GLN C 74 15.32 -22.96 -30.64
N GLN C 75 14.86 -23.63 -29.59
CA GLN C 75 15.13 -25.04 -29.40
C GLN C 75 14.06 -25.88 -30.11
N LYS C 76 12.89 -25.28 -30.31
CA LYS C 76 11.77 -25.93 -30.96
C LYS C 76 10.82 -24.91 -31.54
N PRO C 77 10.34 -25.14 -32.77
CA PRO C 77 9.42 -24.26 -33.48
C PRO C 77 8.06 -24.16 -32.77
N ASP C 78 7.31 -23.13 -33.09
CA ASP C 78 5.98 -22.91 -32.54
C ASP C 78 5.95 -23.09 -31.04
N SER C 79 6.75 -22.30 -30.35
CA SER C 79 6.81 -22.39 -28.90
C SER C 79 6.65 -21.02 -28.25
N PRO C 80 6.53 -21.01 -26.93
CA PRO C 80 6.39 -19.74 -26.23
C PRO C 80 7.71 -18.97 -26.39
N VAL C 81 7.67 -17.66 -26.19
CA VAL C 81 8.86 -16.84 -26.31
C VAL C 81 9.05 -15.89 -25.14
N LEU C 82 10.32 -15.76 -24.75
CA LEU C 82 10.73 -14.82 -23.75
C LEU C 82 11.66 -13.80 -24.45
N VAL C 83 11.23 -12.54 -24.49
CA VAL C 83 12.02 -11.47 -25.06
C VAL C 83 12.83 -10.97 -23.87
N TYR C 84 14.16 -11.04 -23.99
CA TYR C 84 15.04 -10.73 -22.87
C TYR C 84 15.87 -9.48 -23.06
N TYR C 85 16.08 -8.71 -21.99
CA TYR C 85 16.91 -7.53 -22.05
C TYR C 85 18.03 -7.70 -21.00
N HIS C 86 19.27 -7.76 -21.46
CA HIS C 86 20.42 -7.97 -20.59
C HIS C 86 20.66 -6.84 -19.56
N GLY C 87 21.34 -7.18 -18.47
CA GLY C 87 21.65 -6.19 -17.45
C GLY C 87 22.85 -5.36 -17.89
N GLY C 88 23.45 -4.63 -16.96
CA GLY C 88 24.60 -3.83 -17.31
C GLY C 88 24.47 -2.33 -17.04
N GLY C 89 23.64 -1.96 -16.07
CA GLY C 89 23.46 -0.57 -15.70
C GLY C 89 23.07 0.37 -16.81
N PHE C 90 22.56 -0.19 -17.90
CA PHE C 90 22.16 0.57 -19.09
C PHE C 90 23.43 1.04 -19.87
N VAL C 91 24.61 0.77 -19.30
CA VAL C 91 25.88 1.21 -19.86
C VAL C 91 26.78 0.11 -20.47
N ILE C 92 26.90 -1.03 -19.80
CA ILE C 92 27.75 -2.13 -20.29
C ILE C 92 26.97 -3.43 -20.60
N CYS C 93 27.74 -4.50 -20.81
CA CYS C 93 27.24 -5.83 -21.16
C CYS C 93 26.68 -5.86 -22.57
N SER C 94 26.09 -6.98 -22.96
CA SER C 94 25.64 -7.10 -24.33
C SER C 94 24.86 -8.39 -24.55
N ILE C 95 24.51 -8.65 -25.79
CA ILE C 95 23.84 -9.91 -26.06
C ILE C 95 24.80 -11.07 -25.70
N GLU C 96 26.07 -10.89 -26.01
CA GLU C 96 27.04 -11.94 -25.78
C GLU C 96 27.39 -12.16 -24.31
N SER C 97 27.30 -11.14 -23.47
CA SER C 97 27.62 -11.33 -22.06
C SER C 97 26.55 -12.13 -21.36
N HIS C 98 25.40 -12.27 -22.01
CA HIS C 98 24.27 -13.00 -21.42
C HIS C 98 23.86 -14.15 -22.32
N ASP C 99 24.77 -14.52 -23.22
CA ASP C 99 24.50 -15.58 -24.18
C ASP C 99 24.24 -16.97 -23.52
N ALA C 100 25.08 -17.37 -22.58
CA ALA C 100 24.92 -18.68 -21.94
C ALA C 100 23.54 -18.76 -21.21
N LEU C 101 23.22 -17.73 -20.42
CA LEU C 101 21.93 -17.67 -19.70
C LEU C 101 20.77 -17.84 -20.70
N CYS C 102 20.73 -17.01 -21.74
CA CYS C 102 19.64 -17.14 -22.71
C CYS C 102 19.61 -18.55 -23.33
N ARG C 103 20.77 -19.07 -23.72
CA ARG C 103 20.86 -20.42 -24.29
C ARG C 103 20.22 -21.42 -23.32
N ARG C 104 20.66 -21.37 -22.06
CA ARG C 104 20.15 -22.29 -21.04
C ARG C 104 18.61 -22.21 -20.90
N ILE C 105 18.05 -21.00 -20.89
CA ILE C 105 16.61 -20.85 -20.77
C ILE C 105 15.89 -21.50 -21.96
N ALA C 106 16.42 -21.24 -23.15
CA ALA C 106 15.83 -21.79 -24.37
C ALA C 106 15.95 -23.32 -24.42
N ARG C 107 17.12 -23.82 -24.05
CA ARG C 107 17.37 -25.24 -24.09
C ARG C 107 16.42 -25.97 -23.14
N LEU C 108 16.46 -25.61 -21.87
CA LEU C 108 15.64 -26.25 -20.84
C LEU C 108 14.14 -26.21 -21.17
N SER C 109 13.66 -25.09 -21.68
CA SER C 109 12.24 -24.95 -21.98
C SER C 109 11.82 -25.47 -23.34
N ASN C 110 12.76 -25.83 -24.20
CA ASN C 110 12.39 -26.28 -25.52
C ASN C 110 11.54 -25.20 -26.18
N SER C 111 11.90 -23.97 -25.89
CA SER C 111 11.16 -22.88 -26.45
C SER C 111 12.05 -21.86 -27.14
N THR C 112 11.68 -20.59 -27.02
CA THR C 112 12.39 -19.51 -27.69
C THR C 112 12.70 -18.34 -26.78
N VAL C 113 13.88 -17.79 -27.00
CA VAL C 113 14.33 -16.64 -26.30
C VAL C 113 14.85 -15.62 -27.32
N VAL C 114 14.39 -14.37 -27.25
CA VAL C 114 14.86 -13.32 -28.16
C VAL C 114 15.53 -12.22 -27.33
N SER C 115 16.87 -12.18 -27.34
CA SER C 115 17.66 -11.21 -26.59
C SER C 115 17.86 -9.95 -27.44
N VAL C 116 17.63 -8.79 -26.84
CA VAL C 116 17.72 -7.53 -27.55
C VAL C 116 19.01 -6.80 -27.27
N ASP C 117 19.64 -6.38 -28.37
CA ASP C 117 20.88 -5.62 -28.33
C ASP C 117 20.51 -4.12 -28.33
N TYR C 118 20.00 -3.63 -27.21
CA TYR C 118 19.57 -2.24 -27.13
C TYR C 118 20.72 -1.25 -26.94
N ARG C 119 20.52 -0.04 -27.47
CA ARG C 119 21.49 1.05 -27.41
C ARG C 119 21.86 1.37 -25.99
N LEU C 120 23.16 1.56 -25.77
CA LEU C 120 23.68 1.84 -24.46
C LEU C 120 24.01 3.32 -24.27
N ALA C 121 24.04 3.71 -23.00
CA ALA C 121 24.35 5.06 -22.59
C ALA C 121 25.84 5.12 -22.18
N PRO C 122 26.47 6.32 -22.23
CA PRO C 122 25.95 7.65 -22.60
C PRO C 122 25.75 7.91 -24.09
N GLU C 123 26.37 7.11 -24.95
CA GLU C 123 26.19 7.34 -26.36
C GLU C 123 24.70 7.59 -26.67
N HIS C 124 23.86 6.73 -26.10
CA HIS C 124 22.42 6.82 -26.27
C HIS C 124 21.74 6.96 -24.92
N LYS C 125 21.27 8.17 -24.68
CA LYS C 125 20.60 8.49 -23.44
C LYS C 125 19.18 8.03 -23.49
N PHE C 126 18.66 7.78 -22.29
CA PHE C 126 17.28 7.40 -22.10
C PHE C 126 16.46 8.34 -22.96
N PRO C 127 15.34 7.85 -23.54
CA PRO C 127 14.68 6.53 -23.55
C PRO C 127 15.14 5.74 -24.77
N ALA C 128 16.39 5.91 -25.21
CA ALA C 128 16.84 5.16 -26.38
C ALA C 128 16.67 3.62 -26.17
N ALA C 129 17.18 3.12 -25.05
CA ALA C 129 17.11 1.70 -24.71
C ALA C 129 15.65 1.20 -24.58
N VAL C 130 14.85 1.91 -23.77
CA VAL C 130 13.44 1.60 -23.57
C VAL C 130 12.70 1.43 -24.93
N TYR C 131 12.97 2.32 -25.88
CA TYR C 131 12.30 2.25 -27.18
C TYR C 131 12.82 1.12 -28.02
N ASP C 132 14.10 0.80 -27.87
CA ASP C 132 14.63 -0.32 -28.62
C ASP C 132 13.97 -1.60 -28.12
N CYS C 133 13.79 -1.68 -26.82
CA CYS C 133 13.20 -2.85 -26.22
C CYS C 133 11.72 -3.00 -26.61
N TYR C 134 10.95 -1.92 -26.60
CA TYR C 134 9.55 -2.03 -27.00
C TYR C 134 9.49 -2.40 -28.52
N ASP C 135 10.20 -1.67 -29.37
CA ASP C 135 10.17 -1.96 -30.81
C ASP C 135 10.52 -3.42 -31.11
N ALA C 136 11.53 -3.93 -30.41
CA ALA C 136 11.93 -5.31 -30.63
C ALA C 136 10.82 -6.23 -30.11
N THR C 137 10.29 -5.95 -28.94
CA THR C 137 9.23 -6.79 -28.38
C THR C 137 7.97 -6.81 -29.31
N LYS C 138 7.57 -5.63 -29.78
CA LYS C 138 6.42 -5.51 -30.69
C LYS C 138 6.73 -6.19 -32.04
N TRP C 139 7.99 -6.12 -32.45
CA TRP C 139 8.39 -6.77 -33.68
C TRP C 139 8.17 -8.29 -33.55
N VAL C 140 8.59 -8.84 -32.41
CA VAL C 140 8.44 -10.28 -32.16
C VAL C 140 6.96 -10.67 -32.29
N ALA C 141 6.10 -9.89 -31.66
CA ALA C 141 4.66 -10.12 -31.67
C ALA C 141 4.06 -10.03 -33.09
N GLU C 142 4.60 -9.16 -33.93
CA GLU C 142 4.06 -8.99 -35.28
C GLU C 142 4.65 -9.96 -36.29
N ASN C 143 5.71 -10.67 -35.93
CA ASN C 143 6.31 -11.63 -36.84
C ASN C 143 6.35 -13.05 -36.28
N ALA C 144 5.36 -13.34 -35.43
CA ALA C 144 5.23 -14.62 -34.78
C ALA C 144 5.32 -15.81 -35.74
N GLU C 145 4.51 -15.79 -36.80
CA GLU C 145 4.52 -16.89 -37.75
C GLU C 145 5.89 -17.06 -38.41
N GLU C 146 6.50 -15.94 -38.78
CA GLU C 146 7.81 -15.99 -39.40
C GLU C 146 8.85 -16.58 -38.45
N LEU C 147 8.77 -16.16 -37.20
CA LEU C 147 9.68 -16.63 -36.16
C LEU C 147 9.30 -18.02 -35.65
N ARG C 148 8.12 -18.49 -36.01
CA ARG C 148 7.63 -19.79 -35.52
C ARG C 148 7.54 -19.76 -33.98
N ILE C 149 6.86 -18.71 -33.52
CA ILE C 149 6.66 -18.39 -32.13
C ILE C 149 5.16 -18.36 -31.81
N ASP C 150 4.78 -18.98 -30.70
CA ASP C 150 3.39 -18.98 -30.30
C ASP C 150 2.98 -17.54 -29.93
N PRO C 151 2.19 -16.90 -30.80
CA PRO C 151 1.76 -15.53 -30.51
C PRO C 151 0.94 -15.38 -29.22
N SER C 152 0.46 -16.50 -28.69
CA SER C 152 -0.35 -16.45 -27.46
C SER C 152 0.50 -16.54 -26.19
N LYS C 153 1.79 -16.80 -26.33
CA LYS C 153 2.63 -16.91 -25.16
C LYS C 153 3.92 -16.11 -25.27
N ILE C 154 3.80 -14.80 -25.16
CA ILE C 154 4.95 -13.94 -25.24
C ILE C 154 5.23 -13.33 -23.89
N PHE C 155 6.42 -13.60 -23.39
CA PHE C 155 6.83 -13.06 -22.09
C PHE C 155 7.99 -12.06 -22.28
N VAL C 156 8.17 -11.18 -21.31
CA VAL C 156 9.29 -10.25 -21.31
C VAL C 156 10.01 -10.37 -19.96
N GLY C 157 11.32 -10.12 -19.96
CA GLY C 157 12.09 -10.21 -18.73
C GLY C 157 13.50 -9.73 -18.94
N GLY C 158 14.23 -9.55 -17.84
CA GLY C 158 15.59 -9.09 -17.92
C GLY C 158 16.12 -9.04 -16.52
N ASP C 159 17.44 -8.90 -16.38
CA ASP C 159 18.08 -8.85 -15.10
C ASP C 159 18.65 -7.44 -14.84
N SER C 160 18.50 -6.94 -13.61
CA SER C 160 19.01 -5.61 -13.25
C SER C 160 18.36 -4.50 -14.11
N ALA C 161 19.19 -3.78 -14.87
CA ALA C 161 18.70 -2.73 -15.76
C ALA C 161 17.76 -3.37 -16.75
N GLY C 162 18.05 -4.62 -17.10
CA GLY C 162 17.21 -5.34 -18.04
C GLY C 162 15.85 -5.66 -17.44
N GLY C 163 15.80 -5.81 -16.11
CA GLY C 163 14.53 -6.04 -15.45
C GLY C 163 13.75 -4.73 -15.55
N ASN C 164 14.43 -3.61 -15.32
CA ASN C 164 13.81 -2.29 -15.43
C ASN C 164 13.19 -2.14 -16.82
N LEU C 165 13.97 -2.43 -17.86
CA LEU C 165 13.47 -2.31 -19.24
C LEU C 165 12.25 -3.20 -19.51
N ALA C 166 12.23 -4.39 -18.90
CA ALA C 166 11.13 -5.30 -19.08
C ALA C 166 9.85 -4.66 -18.50
N ALA C 167 9.99 -4.07 -17.32
CA ALA C 167 8.89 -3.40 -16.67
C ALA C 167 8.43 -2.18 -17.52
N ALA C 168 9.38 -1.44 -18.09
CA ALA C 168 9.06 -0.29 -18.93
C ALA C 168 8.39 -0.73 -20.23
N VAL C 169 8.85 -1.85 -20.79
CA VAL C 169 8.24 -2.35 -22.01
C VAL C 169 6.76 -2.72 -21.77
N SER C 170 6.51 -3.35 -20.63
CA SER C 170 5.15 -3.76 -20.29
C SER C 170 4.22 -2.55 -20.27
N ILE C 171 4.66 -1.49 -19.60
CA ILE C 171 3.92 -0.23 -19.48
C ILE C 171 3.66 0.43 -20.85
N MET C 172 4.66 0.45 -21.71
CA MET C 172 4.45 1.04 -23.02
C MET C 172 3.46 0.21 -23.82
N ALA C 173 3.52 -1.10 -23.66
CA ALA C 173 2.61 -1.95 -24.39
C ALA C 173 1.17 -1.71 -23.94
N ARG C 174 0.98 -1.52 -22.63
CA ARG C 174 -0.37 -1.27 -22.12
C ARG C 174 -0.90 0.08 -22.64
N ASP C 175 -0.08 1.11 -22.49
CA ASP C 175 -0.44 2.43 -22.94
C ASP C 175 -0.81 2.46 -24.41
N SER C 176 -0.56 1.36 -25.12
CA SER C 176 -0.91 1.27 -26.53
C SER C 176 -2.09 0.32 -26.71
N GLY C 177 -2.73 -0.03 -25.59
CA GLY C 177 -3.86 -0.93 -25.64
C GLY C 177 -3.40 -2.26 -26.19
N GLU C 178 -2.09 -2.46 -26.14
CA GLU C 178 -1.48 -3.71 -26.60
C GLU C 178 -1.60 -4.72 -25.47
N ASP C 179 -2.00 -5.93 -25.79
CA ASP C 179 -2.20 -6.96 -24.76
C ASP C 179 -1.48 -8.27 -25.08
N PHE C 180 -0.39 -8.20 -25.82
CA PHE C 180 0.29 -9.44 -26.19
C PHE C 180 1.27 -9.95 -25.13
N ILE C 181 1.66 -9.10 -24.18
CA ILE C 181 2.59 -9.55 -23.15
C ILE C 181 1.84 -10.31 -22.04
N LYS C 182 2.10 -11.61 -21.92
CA LYS C 182 1.41 -12.43 -20.92
C LYS C 182 2.09 -12.47 -19.56
N HIS C 183 3.39 -12.21 -19.49
CA HIS C 183 4.09 -12.31 -18.21
C HIS C 183 5.38 -11.45 -18.18
N GLN C 184 5.69 -10.86 -17.02
CA GLN C 184 6.91 -10.06 -16.87
C GLN C 184 7.79 -10.78 -15.86
N ILE C 185 9.06 -10.94 -16.21
CA ILE C 185 10.01 -11.60 -15.32
C ILE C 185 11.12 -10.61 -14.97
N LEU C 186 11.09 -10.17 -13.73
CA LEU C 186 12.02 -9.16 -13.28
C LEU C 186 13.02 -9.76 -12.30
N ILE C 187 14.27 -9.88 -12.72
CA ILE C 187 15.33 -10.43 -11.87
C ILE C 187 16.11 -9.27 -11.27
N TYR C 188 16.06 -9.17 -9.93
CA TYR C 188 16.65 -8.07 -9.17
C TYR C 188 16.69 -6.75 -9.98
N PRO C 189 15.54 -6.28 -10.42
CA PRO C 189 15.48 -5.04 -11.21
C PRO C 189 15.80 -3.75 -10.46
N VAL C 190 16.03 -2.71 -11.21
CA VAL C 190 16.17 -1.36 -10.69
C VAL C 190 14.86 -0.70 -11.16
N VAL C 191 14.05 -0.24 -10.22
CA VAL C 191 12.75 0.33 -10.59
C VAL C 191 12.58 1.79 -10.11
N ASN C 192 13.55 2.27 -9.35
CA ASN C 192 13.47 3.61 -8.78
C ASN C 192 14.78 4.42 -8.87
N PHE C 193 14.74 5.61 -9.47
CA PHE C 193 15.94 6.43 -9.60
C PHE C 193 15.85 7.77 -8.84
N VAL C 194 14.86 7.93 -7.96
CA VAL C 194 14.72 9.20 -7.25
C VAL C 194 14.60 9.12 -5.72
N ALA C 195 13.96 8.09 -5.19
CA ALA C 195 13.78 7.93 -3.73
C ALA C 195 14.79 6.95 -3.13
N PRO C 196 14.81 6.83 -1.78
CA PRO C 196 15.74 5.91 -1.10
C PRO C 196 14.99 4.72 -0.44
N THR C 197 15.76 3.76 0.09
CA THR C 197 15.18 2.57 0.76
C THR C 197 16.19 1.98 1.76
N PRO C 198 15.70 1.28 2.79
CA PRO C 198 16.57 0.67 3.80
C PRO C 198 17.62 -0.32 3.29
N SER C 199 17.32 -1.04 2.21
CA SER C 199 18.31 -1.97 1.67
C SER C 199 19.39 -1.18 0.94
N LEU C 200 18.95 -0.08 0.33
CA LEU C 200 19.83 0.80 -0.42
C LEU C 200 20.89 1.45 0.50
N LEU C 201 20.69 1.36 1.81
CA LEU C 201 21.63 1.94 2.77
C LEU C 201 22.42 0.86 3.52
N GLU C 202 21.78 -0.25 3.86
CA GLU C 202 22.47 -1.32 4.55
C GLU C 202 23.49 -1.98 3.60
N PHE C 203 23.26 -1.79 2.31
CA PHE C 203 24.12 -2.37 1.28
C PHE C 203 24.59 -1.32 0.26
N GLY C 204 24.29 -0.04 0.50
CA GLY C 204 24.72 0.99 -0.42
C GLY C 204 26.23 1.00 -0.53
N GLU C 205 26.90 0.44 0.49
CA GLU C 205 28.36 0.35 0.56
C GLU C 205 28.82 -0.91 1.35
N GLY C 206 30.10 -1.25 1.21
CA GLY C 206 30.63 -2.41 1.92
C GLY C 206 30.59 -3.71 1.14
N LEU C 207 29.40 -4.13 0.73
CA LEU C 207 29.25 -5.37 -0.01
C LEU C 207 30.04 -5.34 -1.33
N TRP C 208 30.53 -6.51 -1.72
CA TRP C 208 31.27 -6.65 -2.96
C TRP C 208 30.28 -6.79 -4.12
N ILE C 209 30.74 -6.47 -5.33
CA ILE C 209 29.94 -6.55 -6.55
C ILE C 209 29.20 -5.22 -6.88
N LEU C 210 28.02 -5.01 -6.32
CA LEU C 210 27.26 -3.79 -6.61
C LEU C 210 27.30 -2.74 -5.47
N ASP C 211 27.53 -1.48 -5.82
CA ASP C 211 27.58 -0.42 -4.82
C ASP C 211 26.93 0.89 -5.30
N GLN C 212 26.61 1.78 -4.35
CA GLN C 212 25.97 3.05 -4.67
C GLN C 212 26.82 3.91 -5.64
N LYS C 213 28.14 3.76 -5.56
CA LYS C 213 29.07 4.52 -6.42
C LYS C 213 28.85 4.25 -7.91
N ILE C 214 29.00 2.99 -8.33
CA ILE C 214 28.78 2.67 -9.73
C ILE C 214 27.32 2.94 -10.11
N MET C 215 26.41 2.68 -9.18
CA MET C 215 25.01 2.94 -9.43
C MET C 215 24.81 4.42 -9.85
N SER C 216 25.35 5.34 -9.05
CA SER C 216 25.24 6.76 -9.37
C SER C 216 25.85 7.04 -10.75
N TRP C 217 27.05 6.49 -10.96
CA TRP C 217 27.76 6.62 -12.23
C TRP C 217 26.85 6.17 -13.37
N PHE C 218 26.20 5.03 -13.18
CA PHE C 218 25.29 4.52 -14.19
C PHE C 218 24.20 5.57 -14.49
N SER C 219 23.61 6.15 -13.46
CA SER C 219 22.57 7.16 -13.65
C SER C 219 23.07 8.30 -14.49
N GLU C 220 24.27 8.76 -14.16
CA GLU C 220 24.90 9.87 -14.87
C GLU C 220 25.00 9.58 -16.36
N GLN C 221 25.37 8.35 -16.68
CA GLN C 221 25.51 7.98 -18.08
C GLN C 221 24.16 7.82 -18.77
N TYR C 222 23.17 7.35 -18.03
CA TYR C 222 21.84 7.06 -18.58
C TYR C 222 20.93 8.29 -18.88
N PHE C 223 20.74 9.15 -17.88
CA PHE C 223 19.85 10.31 -18.00
C PHE C 223 20.42 11.57 -18.69
N SER C 224 19.87 11.92 -19.84
CA SER C 224 20.29 13.12 -20.55
C SER C 224 19.93 14.31 -19.65
N ARG C 225 18.64 14.42 -19.38
CA ARG C 225 18.11 15.45 -18.49
C ARG C 225 17.82 14.81 -17.11
N GLU C 226 18.32 15.42 -16.05
CA GLU C 226 18.10 14.89 -14.70
C GLU C 226 16.59 14.79 -14.41
N GLU C 227 15.79 15.55 -15.15
CA GLU C 227 14.33 15.50 -15.00
C GLU C 227 13.82 14.11 -15.42
N ASP C 228 14.51 13.51 -16.40
CA ASP C 228 14.12 12.20 -16.90
C ASP C 228 14.10 11.12 -15.81
N LYS C 229 14.69 11.44 -14.64
CA LYS C 229 14.74 10.53 -13.49
C LYS C 229 13.37 10.20 -12.88
N PHE C 230 12.34 10.94 -13.26
CA PHE C 230 11.01 10.69 -12.70
C PHE C 230 10.08 10.15 -13.78
N ASN C 231 10.57 10.12 -15.01
CA ASN C 231 9.76 9.61 -16.12
C ASN C 231 9.25 8.19 -15.80
N PRO C 232 7.96 7.92 -16.04
CA PRO C 232 7.37 6.60 -15.77
C PRO C 232 8.06 5.41 -16.48
N LEU C 233 8.77 5.69 -17.57
CA LEU C 233 9.48 4.66 -18.32
C LEU C 233 10.91 4.45 -17.79
N ALA C 234 11.22 5.10 -16.66
CA ALA C 234 12.52 4.98 -16.01
C ALA C 234 12.26 4.54 -14.57
N SER C 235 11.67 5.43 -13.79
CA SER C 235 11.30 5.06 -12.42
C SER C 235 9.88 4.46 -12.51
N VAL C 236 9.80 3.26 -13.09
CA VAL C 236 8.55 2.54 -13.32
C VAL C 236 7.70 2.35 -12.06
N ILE C 237 8.31 2.49 -10.91
CA ILE C 237 7.56 2.33 -9.67
C ILE C 237 6.46 3.42 -9.51
N PHE C 238 6.53 4.49 -10.32
CA PHE C 238 5.53 5.56 -10.26
C PHE C 238 4.66 5.59 -11.48
N ALA C 239 4.67 4.50 -12.25
CA ALA C 239 3.81 4.46 -13.42
C ALA C 239 2.43 3.91 -13.03
N ASP C 240 1.46 3.99 -13.94
CA ASP C 240 0.15 3.39 -13.67
C ASP C 240 0.29 1.88 -13.90
N LEU C 241 0.12 1.13 -12.83
CA LEU C 241 0.29 -0.32 -12.85
C LEU C 241 -0.95 -1.12 -13.31
N GLU C 242 -2.09 -0.45 -13.47
CA GLU C 242 -3.32 -1.12 -13.85
C GLU C 242 -3.19 -1.94 -15.11
N ASN C 243 -3.66 -3.17 -15.01
CA ASN C 243 -3.68 -4.11 -16.11
C ASN C 243 -2.29 -4.45 -16.66
N LEU C 244 -1.25 -4.28 -15.83
CA LEU C 244 0.10 -4.67 -16.26
C LEU C 244 0.17 -6.22 -16.25
N PRO C 245 1.07 -6.81 -17.05
CA PRO C 245 1.10 -8.28 -17.04
C PRO C 245 1.53 -8.88 -15.69
N PRO C 246 1.09 -10.11 -15.38
CA PRO C 246 1.47 -10.73 -14.11
C PRO C 246 3.02 -10.77 -14.03
N ALA C 247 3.53 -10.73 -12.81
CA ALA C 247 4.97 -10.66 -12.60
C ALA C 247 5.56 -11.75 -11.75
N LEU C 248 6.81 -12.07 -12.08
CA LEU C 248 7.64 -12.99 -11.31
C LEU C 248 8.87 -12.13 -11.01
N ILE C 249 9.00 -11.79 -9.74
CA ILE C 249 10.08 -10.94 -9.32
C ILE C 249 11.00 -11.73 -8.48
N ILE C 250 12.26 -11.76 -8.88
CA ILE C 250 13.27 -12.48 -8.12
C ILE C 250 14.28 -11.48 -7.56
N THR C 251 14.50 -11.52 -6.26
CA THR C 251 15.46 -10.62 -5.63
C THR C 251 16.53 -11.40 -4.87
N ALA C 252 17.65 -10.73 -4.60
CA ALA C 252 18.76 -11.29 -3.84
C ALA C 252 18.73 -10.72 -2.41
N GLU C 253 18.97 -11.56 -1.41
CA GLU C 253 18.95 -11.08 -0.03
C GLU C 253 19.95 -9.90 0.18
N TYR C 254 21.22 -10.12 -0.11
CA TYR C 254 22.22 -9.06 0.08
C TYR C 254 22.42 -8.23 -1.19
N ASP C 255 21.49 -7.31 -1.41
CA ASP C 255 21.48 -6.47 -2.60
C ASP C 255 20.79 -5.15 -2.26
N PRO C 256 21.39 -4.04 -2.66
CA PRO C 256 20.87 -2.70 -2.43
C PRO C 256 19.50 -2.50 -3.12
N LEU C 257 19.30 -3.17 -4.25
CA LEU C 257 18.05 -3.01 -5.00
C LEU C 257 16.92 -3.96 -4.53
N ARG C 258 17.19 -4.80 -3.54
CA ARG C 258 16.21 -5.76 -3.05
C ARG C 258 14.82 -5.17 -2.68
N ASP C 259 14.77 -4.34 -1.64
CA ASP C 259 13.52 -3.76 -1.15
C ASP C 259 12.70 -3.10 -2.24
N GLU C 260 13.39 -2.34 -3.07
CA GLU C 260 12.78 -1.62 -4.17
C GLU C 260 12.02 -2.55 -5.15
N GLY C 261 12.63 -3.70 -5.47
CA GLY C 261 12.02 -4.67 -6.37
C GLY C 261 10.78 -5.30 -5.76
N GLU C 262 10.84 -5.58 -4.46
CA GLU C 262 9.70 -6.16 -3.77
C GLU C 262 8.52 -5.16 -3.62
N VAL C 263 8.84 -3.93 -3.24
CA VAL C 263 7.80 -2.91 -3.09
C VAL C 263 7.09 -2.83 -4.42
N PHE C 264 7.85 -2.88 -5.50
CA PHE C 264 7.22 -2.84 -6.80
C PHE C 264 6.22 -4.02 -6.92
N GLY C 265 6.58 -5.19 -6.41
CA GLY C 265 5.67 -6.35 -6.47
C GLY C 265 4.39 -6.12 -5.66
N GLN C 266 4.56 -5.62 -4.44
CA GLN C 266 3.42 -5.30 -3.56
C GLN C 266 2.43 -4.32 -4.27
N MET C 267 2.98 -3.25 -4.84
CA MET C 267 2.19 -2.25 -5.54
C MET C 267 1.48 -2.84 -6.74
N LEU C 268 2.12 -3.83 -7.36
CA LEU C 268 1.48 -4.49 -8.46
C LEU C 268 0.22 -5.18 -7.92
N ARG C 269 0.35 -5.79 -6.75
CA ARG C 269 -0.77 -6.48 -6.11
C ARG C 269 -1.92 -5.49 -5.81
N ARG C 270 -1.63 -4.44 -5.04
CA ARG C 270 -2.64 -3.43 -4.72
C ARG C 270 -3.26 -2.88 -6.00
N ALA C 271 -2.56 -3.03 -7.11
CA ALA C 271 -3.10 -2.54 -8.36
C ALA C 271 -3.89 -3.63 -9.09
N GLY C 272 -4.11 -4.75 -8.43
CA GLY C 272 -4.86 -5.83 -9.08
C GLY C 272 -4.09 -6.71 -10.06
N VAL C 273 -2.75 -6.64 -10.01
CA VAL C 273 -1.92 -7.47 -10.89
C VAL C 273 -1.33 -8.64 -10.08
N GLU C 274 -1.46 -9.85 -10.59
CA GLU C 274 -0.92 -11.01 -9.90
C GLU C 274 0.61 -10.97 -9.94
N ALA C 275 1.23 -11.32 -8.81
CA ALA C 275 2.67 -11.31 -8.71
C ALA C 275 3.25 -12.23 -7.61
N SER C 276 4.41 -12.79 -7.91
CA SER C 276 5.16 -13.60 -6.97
C SER C 276 6.46 -12.85 -6.70
N ILE C 277 6.78 -12.70 -5.43
CA ILE C 277 7.98 -12.04 -4.98
C ILE C 277 8.76 -13.08 -4.25
N VAL C 278 9.88 -13.44 -4.86
CA VAL C 278 10.73 -14.52 -4.37
C VAL C 278 12.15 -14.05 -4.02
N ARG C 279 12.51 -14.16 -2.76
CA ARG C 279 13.83 -13.73 -2.32
C ARG C 279 14.77 -14.90 -2.10
N TYR C 280 15.83 -14.94 -2.90
CA TYR C 280 16.79 -16.00 -2.69
C TYR C 280 17.72 -15.54 -1.57
N ARG C 281 17.93 -16.41 -0.60
CA ARG C 281 18.78 -16.05 0.52
C ARG C 281 20.21 -16.51 0.28
N GLY C 282 21.15 -15.77 0.85
CA GLY C 282 22.55 -16.11 0.75
C GLY C 282 23.30 -15.71 -0.51
N VAL C 283 22.66 -14.94 -1.40
CA VAL C 283 23.27 -14.53 -2.66
C VAL C 283 23.21 -13.00 -2.84
N LEU C 284 24.00 -12.47 -3.77
CA LEU C 284 24.02 -11.01 -4.02
C LEU C 284 23.48 -10.65 -5.39
N HIS C 285 23.31 -9.36 -5.61
CA HIS C 285 22.84 -8.88 -6.89
C HIS C 285 23.68 -9.54 -8.00
N GLY C 286 23.07 -9.79 -9.16
CA GLY C 286 23.77 -10.41 -10.27
C GLY C 286 24.09 -11.89 -10.13
N PHE C 287 23.47 -12.57 -9.17
CA PHE C 287 23.77 -13.97 -8.93
C PHE C 287 23.37 -15.00 -10.02
N ILE C 288 22.41 -14.67 -10.88
CA ILE C 288 21.94 -15.65 -11.86
C ILE C 288 22.99 -16.11 -12.89
N ASN C 289 23.96 -15.26 -13.20
CA ASN C 289 24.99 -15.61 -14.17
C ASN C 289 26.05 -16.60 -13.61
N TYR C 290 25.99 -16.92 -12.32
CA TYR C 290 26.96 -17.84 -11.76
C TYR C 290 26.37 -19.23 -11.52
N TYR C 291 25.34 -19.56 -12.30
CA TYR C 291 24.68 -20.86 -12.16
C TYR C 291 25.63 -22.08 -12.22
N PRO C 292 26.77 -21.99 -12.95
CA PRO C 292 27.65 -23.17 -12.98
C PRO C 292 28.16 -23.64 -11.61
N VAL C 293 28.26 -22.70 -10.67
CA VAL C 293 28.79 -23.01 -9.36
C VAL C 293 27.86 -22.60 -8.24
N LEU C 294 26.64 -22.16 -8.56
CA LEU C 294 25.72 -21.72 -7.52
C LEU C 294 24.29 -22.32 -7.72
N LYS C 295 23.92 -23.29 -6.90
CA LYS C 295 22.60 -23.89 -7.03
C LYS C 295 21.46 -22.84 -7.09
N ALA C 296 21.52 -21.85 -6.21
CA ALA C 296 20.50 -20.80 -6.18
C ALA C 296 20.26 -20.18 -7.57
N ALA C 297 21.34 -20.00 -8.33
CA ALA C 297 21.19 -19.44 -9.67
C ALA C 297 20.52 -20.42 -10.58
N ARG C 298 20.90 -21.69 -10.46
CA ARG C 298 20.33 -22.75 -11.26
C ARG C 298 18.80 -22.87 -10.98
N ASP C 299 18.40 -22.77 -9.72
CA ASP C 299 16.99 -22.84 -9.39
C ASP C 299 16.22 -21.57 -9.91
N ALA C 300 16.86 -20.40 -9.88
CA ALA C 300 16.23 -19.18 -10.39
C ALA C 300 15.97 -19.32 -11.91
N ILE C 301 16.95 -19.88 -12.62
CA ILE C 301 16.80 -20.06 -14.06
C ILE C 301 15.69 -21.08 -14.36
N ASN C 302 15.58 -22.08 -13.49
CA ASN C 302 14.53 -23.08 -13.64
C ASN C 302 13.17 -22.41 -13.55
N GLN C 303 13.03 -21.46 -12.62
CA GLN C 303 11.76 -20.76 -12.43
C GLN C 303 11.35 -20.04 -13.70
N ILE C 304 12.33 -19.45 -14.38
CA ILE C 304 12.06 -18.74 -15.63
C ILE C 304 11.73 -19.74 -16.75
N ALA C 305 12.54 -20.79 -16.86
CA ALA C 305 12.32 -21.80 -17.86
C ALA C 305 10.95 -22.48 -17.65
N ALA C 306 10.56 -22.67 -16.38
CA ALA C 306 9.26 -23.29 -16.09
C ALA C 306 8.08 -22.45 -16.64
N LEU C 307 8.18 -21.13 -16.56
CA LEU C 307 7.10 -20.30 -17.07
C LEU C 307 6.87 -20.57 -18.58
N LEU C 308 7.93 -20.88 -19.32
CA LEU C 308 7.79 -21.15 -20.73
C LEU C 308 7.27 -22.59 -21.01
N VAL C 309 7.61 -23.53 -20.13
CA VAL C 309 7.19 -24.90 -20.33
C VAL C 309 5.76 -25.17 -19.85
N PHE C 310 5.47 -24.82 -18.60
CA PHE C 310 4.17 -25.07 -18.01
C PHE C 310 3.13 -23.97 -18.41
N ASP C 311 1.90 -24.38 -18.70
CA ASP C 311 0.87 -23.41 -19.12
C ASP C 311 -0.24 -23.21 -18.06
N MET D 1 -2.50 -5.72 10.65
CA MET D 1 -2.76 -6.67 9.53
C MET D 1 -3.36 -5.98 8.29
N LEU D 2 -4.37 -5.15 8.50
CA LEU D 2 -5.09 -4.47 7.41
C LEU D 2 -4.26 -3.90 6.26
N ASP D 3 -3.19 -3.18 6.52
CA ASP D 3 -2.45 -2.70 5.35
C ASP D 3 -1.07 -3.35 5.16
N MET D 4 -0.74 -4.37 5.95
CA MET D 4 0.54 -5.07 5.78
C MET D 4 0.64 -5.51 4.31
N PRO D 5 1.85 -5.83 3.84
CA PRO D 5 1.97 -6.24 2.45
C PRO D 5 1.67 -7.73 2.17
N ILE D 6 0.67 -8.31 2.84
CA ILE D 6 0.38 -9.71 2.55
C ILE D 6 -0.39 -9.79 1.25
N ASP D 7 -0.26 -10.90 0.54
CA ASP D 7 -0.98 -11.02 -0.73
C ASP D 7 -2.48 -10.72 -0.48
N PRO D 8 -3.07 -9.84 -1.30
CA PRO D 8 -4.49 -9.49 -1.13
C PRO D 8 -5.46 -10.69 -1.15
N VAL D 9 -5.01 -11.83 -1.66
CA VAL D 9 -5.84 -13.03 -1.70
C VAL D 9 -6.13 -13.57 -0.30
N TYR D 10 -5.22 -13.34 0.63
CA TYR D 10 -5.40 -13.87 1.98
C TYR D 10 -6.63 -13.29 2.71
N TYR D 11 -7.13 -12.13 2.27
CA TYR D 11 -8.31 -11.59 2.92
C TYR D 11 -9.54 -12.35 2.39
N GLN D 12 -9.57 -12.55 1.07
CA GLN D 12 -10.65 -13.28 0.43
C GLN D 12 -10.64 -14.77 0.84
N LEU D 13 -9.55 -15.22 1.46
CA LEU D 13 -9.41 -16.60 1.91
C LEU D 13 -9.65 -16.69 3.42
N ALA D 14 -9.61 -15.54 4.09
CA ALA D 14 -9.85 -15.50 5.52
C ALA D 14 -11.21 -16.15 5.89
N GLU D 15 -12.24 -15.97 5.06
CA GLU D 15 -13.55 -16.57 5.33
C GLU D 15 -13.45 -18.10 5.50
N TYR D 16 -12.75 -18.74 4.59
CA TYR D 16 -12.53 -20.17 4.62
C TYR D 16 -11.67 -20.59 5.84
N PHE D 17 -10.55 -19.92 6.08
CA PHE D 17 -9.74 -20.30 7.24
C PHE D 17 -10.59 -20.26 8.53
N ASP D 18 -11.40 -19.22 8.65
CA ASP D 18 -12.25 -19.01 9.81
C ASP D 18 -13.33 -20.12 10.00
N SER D 19 -13.85 -20.64 8.89
CA SER D 19 -14.90 -21.66 8.92
C SER D 19 -14.41 -23.05 9.35
N LEU D 20 -13.13 -23.32 9.14
CA LEU D 20 -12.58 -24.63 9.47
C LEU D 20 -12.58 -24.93 10.98
N PRO D 21 -12.78 -26.21 11.36
CA PRO D 21 -12.80 -26.61 12.77
C PRO D 21 -11.36 -26.59 13.32
N LYS D 22 -11.23 -26.40 14.63
CA LYS D 22 -9.93 -26.35 15.27
C LYS D 22 -9.75 -27.50 16.28
N PHE D 23 -8.51 -27.97 16.44
CA PHE D 23 -8.24 -29.08 17.36
C PHE D 23 -8.89 -28.79 18.72
N ASP D 24 -9.20 -27.51 18.91
CA ASP D 24 -9.79 -26.95 20.12
C ASP D 24 -11.22 -27.45 20.44
N GLN D 25 -12.01 -27.71 19.40
CA GLN D 25 -13.41 -28.12 19.58
C GLN D 25 -13.61 -29.64 19.71
N PHE D 26 -12.53 -30.42 19.77
CA PHE D 26 -12.71 -31.87 19.88
C PHE D 26 -12.03 -32.45 21.11
N SER D 27 -12.50 -33.60 21.57
CA SER D 27 -11.91 -34.22 22.76
C SER D 27 -10.76 -35.21 22.43
N SER D 28 -10.56 -35.51 21.15
CA SER D 28 -9.46 -36.41 20.78
C SER D 28 -8.90 -36.11 19.39
N ALA D 29 -7.59 -36.29 19.25
CA ALA D 29 -6.89 -36.05 17.99
C ALA D 29 -7.67 -36.70 16.85
N ARG D 30 -8.09 -37.94 17.06
CA ARG D 30 -8.84 -38.67 16.05
C ARG D 30 -10.08 -37.90 15.58
N GLU D 31 -10.88 -37.41 16.54
CA GLU D 31 -12.09 -36.67 16.19
C GLU D 31 -11.75 -35.45 15.33
N TYR D 32 -10.73 -34.71 15.74
CA TYR D 32 -10.29 -33.55 14.99
C TYR D 32 -9.85 -34.00 13.61
N ARG D 33 -9.00 -35.02 13.57
CA ARG D 33 -8.50 -35.53 12.30
C ARG D 33 -9.64 -35.86 11.32
N GLU D 34 -10.63 -36.60 11.79
CA GLU D 34 -11.78 -36.97 10.97
C GLU D 34 -12.54 -35.75 10.46
N ALA D 35 -12.76 -34.78 11.34
CA ALA D 35 -13.46 -33.56 10.99
C ALA D 35 -12.71 -32.70 9.96
N ILE D 36 -11.42 -32.42 10.21
CA ILE D 36 -10.63 -31.58 9.32
C ILE D 36 -10.27 -32.27 7.97
N ASN D 37 -9.84 -33.53 8.03
CA ASN D 37 -9.51 -34.25 6.80
C ASN D 37 -10.71 -34.30 5.83
N ARG D 38 -11.90 -34.52 6.38
CA ARG D 38 -13.12 -34.59 5.59
C ARG D 38 -13.19 -33.36 4.68
N ILE D 39 -12.95 -32.19 5.29
CA ILE D 39 -12.98 -30.90 4.57
C ILE D 39 -11.92 -30.82 3.46
N TYR D 40 -10.67 -31.05 3.83
CA TYR D 40 -9.56 -30.99 2.88
C TYR D 40 -9.77 -31.92 1.69
N GLU D 41 -10.26 -33.13 1.97
CA GLU D 41 -10.48 -34.08 0.89
C GLU D 41 -11.57 -33.59 -0.08
N GLU D 42 -12.66 -33.05 0.44
CA GLU D 42 -13.71 -32.57 -0.43
C GLU D 42 -13.13 -31.51 -1.36
N ARG D 43 -12.39 -30.56 -0.78
CA ARG D 43 -11.76 -29.53 -1.60
C ARG D 43 -10.80 -30.16 -2.65
N ASN D 44 -9.97 -31.12 -2.24
CA ASN D 44 -9.08 -31.77 -3.19
C ASN D 44 -9.83 -32.46 -4.34
N ARG D 45 -10.97 -33.08 -4.04
CA ARG D 45 -11.75 -33.75 -5.09
C ARG D 45 -12.17 -32.75 -6.19
N GLN D 46 -12.62 -31.56 -5.80
CA GLN D 46 -13.00 -30.58 -6.79
C GLN D 46 -11.77 -30.14 -7.59
N LEU D 47 -10.67 -29.86 -6.90
CA LEU D 47 -9.46 -29.43 -7.59
C LEU D 47 -8.89 -30.50 -8.53
N SER D 48 -8.90 -31.76 -8.09
CA SER D 48 -8.32 -32.85 -8.89
C SER D 48 -8.93 -33.00 -10.27
N GLN D 49 -10.19 -32.58 -10.42
CA GLN D 49 -10.87 -32.63 -11.71
C GLN D 49 -10.09 -31.81 -12.76
N HIS D 50 -9.35 -30.79 -12.31
CA HIS D 50 -8.57 -29.95 -13.22
C HIS D 50 -7.09 -30.38 -13.29
N GLU D 51 -6.77 -31.52 -12.69
CA GLU D 51 -5.42 -32.04 -12.72
C GLU D 51 -5.47 -33.49 -13.19
N ARG D 52 -5.73 -33.67 -14.48
CA ARG D 52 -5.80 -35.00 -15.06
C ARG D 52 -4.40 -35.63 -15.17
N VAL D 53 -4.31 -36.87 -14.70
CA VAL D 53 -3.07 -37.63 -14.78
C VAL D 53 -3.38 -38.97 -15.48
N GLU D 54 -2.62 -39.26 -16.53
CA GLU D 54 -2.80 -40.48 -17.30
C GLU D 54 -3.06 -41.74 -16.41
N ARG D 55 -2.14 -42.01 -15.48
CA ARG D 55 -2.28 -43.20 -14.62
C ARG D 55 -2.20 -42.84 -13.12
N VAL D 56 -3.19 -43.30 -12.36
CA VAL D 56 -3.25 -43.06 -10.91
C VAL D 56 -3.68 -44.36 -10.21
N GLU D 57 -2.77 -45.00 -9.47
CA GLU D 57 -3.08 -46.26 -8.77
C GLU D 57 -2.71 -46.24 -7.31
N ASP D 58 -3.48 -46.97 -6.52
CA ASP D 58 -3.23 -47.13 -5.10
C ASP D 58 -2.61 -48.51 -4.88
N ARG D 59 -1.54 -48.56 -4.10
CA ARG D 59 -0.83 -49.79 -3.82
C ARG D 59 -0.54 -49.94 -2.33
N THR D 60 -0.53 -51.19 -1.89
CA THR D 60 -0.21 -51.49 -0.51
C THR D 60 1.15 -52.18 -0.52
N ILE D 61 2.10 -51.67 0.26
CA ILE D 61 3.43 -52.27 0.31
C ILE D 61 3.78 -52.71 1.72
N LYS D 62 4.84 -53.52 1.79
CA LYS D 62 5.33 -54.08 3.05
C LYS D 62 6.37 -53.19 3.75
N GLY D 63 5.96 -52.57 4.86
CA GLY D 63 6.86 -51.73 5.64
C GLY D 63 7.15 -52.44 6.98
N ARG D 64 8.21 -52.04 7.68
CA ARG D 64 8.53 -52.69 8.96
C ARG D 64 7.38 -52.58 9.99
N ASN D 65 6.59 -51.51 9.92
CA ASN D 65 5.46 -51.33 10.84
C ASN D 65 4.22 -52.04 10.29
N GLY D 66 4.37 -52.66 9.12
CA GLY D 66 3.26 -53.34 8.51
C GLY D 66 2.88 -52.76 7.16
N ASP D 67 1.59 -52.87 6.83
CA ASP D 67 1.06 -52.37 5.56
C ASP D 67 1.18 -50.84 5.44
N ILE D 68 1.58 -50.37 4.26
CA ILE D 68 1.68 -48.93 4.01
C ILE D 68 0.98 -48.60 2.67
N ARG D 69 0.05 -47.65 2.71
CA ARG D 69 -0.63 -47.28 1.48
C ARG D 69 0.18 -46.21 0.76
N VAL D 70 0.27 -46.38 -0.55
CA VAL D 70 0.99 -45.45 -1.40
C VAL D 70 0.14 -45.20 -2.68
N ARG D 71 0.10 -43.95 -3.13
CA ARG D 71 -0.63 -43.61 -4.35
C ARG D 71 0.39 -43.26 -5.44
N VAL D 72 0.30 -43.92 -6.59
CA VAL D 72 1.22 -43.67 -7.69
C VAL D 72 0.56 -42.86 -8.81
N TYR D 73 1.15 -41.71 -9.11
CA TYR D 73 0.70 -40.81 -10.16
C TYR D 73 1.74 -40.84 -11.27
N GLN D 74 1.38 -41.34 -12.44
CA GLN D 74 2.33 -41.40 -13.52
C GLN D 74 1.77 -40.79 -14.77
N GLN D 75 2.33 -39.64 -15.14
CA GLN D 75 1.89 -38.94 -16.33
C GLN D 75 2.56 -39.54 -17.58
N LYS D 76 3.79 -40.03 -17.37
CA LYS D 76 4.54 -40.71 -18.40
C LYS D 76 5.42 -41.76 -17.76
N PRO D 77 5.63 -42.88 -18.45
CA PRO D 77 6.43 -44.02 -18.01
C PRO D 77 7.93 -43.76 -18.12
N ASP D 78 8.70 -44.51 -17.34
CA ASP D 78 10.15 -44.33 -17.38
C ASP D 78 10.47 -42.88 -17.24
N SER D 79 10.10 -42.32 -16.11
CA SER D 79 10.30 -40.92 -15.84
C SER D 79 10.85 -40.75 -14.44
N PRO D 80 11.36 -39.57 -14.13
CA PRO D 80 11.91 -39.26 -12.79
C PRO D 80 10.74 -39.35 -11.78
N VAL D 81 11.05 -39.51 -10.50
CA VAL D 81 10.01 -39.60 -9.48
C VAL D 81 10.23 -38.79 -8.25
N LEU D 82 9.12 -38.29 -7.73
CA LEU D 82 9.15 -37.56 -6.49
C LEU D 82 8.35 -38.36 -5.46
N VAL D 83 9.02 -38.84 -4.41
CA VAL D 83 8.32 -39.55 -3.36
C VAL D 83 7.91 -38.44 -2.40
N TYR D 84 6.60 -38.29 -2.22
CA TYR D 84 6.05 -37.21 -1.44
C TYR D 84 5.39 -37.62 -0.11
N TYR D 85 5.61 -36.80 0.92
CA TYR D 85 5.01 -37.01 2.24
C TYR D 85 4.19 -35.75 2.63
N HIS D 86 2.87 -35.93 2.71
CA HIS D 86 1.96 -34.84 3.02
C HIS D 86 2.20 -34.20 4.41
N GLY D 87 1.72 -32.97 4.59
CA GLY D 87 1.88 -32.30 5.87
C GLY D 87 0.78 -32.69 6.86
N GLY D 88 0.56 -31.85 7.87
CA GLY D 88 -0.48 -32.12 8.83
C GLY D 88 -0.04 -32.38 10.27
N GLY D 89 0.97 -31.64 10.73
CA GLY D 89 1.47 -31.77 12.09
C GLY D 89 1.85 -33.15 12.59
N PHE D 90 1.96 -34.15 11.72
CA PHE D 90 2.28 -35.53 12.11
C PHE D 90 1.01 -36.25 12.65
N VAL D 91 -0.10 -35.52 12.66
CA VAL D 91 -1.35 -35.98 13.19
C VAL D 91 -2.52 -36.03 12.18
N ILE D 92 -2.64 -35.02 11.33
CA ILE D 92 -3.75 -35.00 10.39
C ILE D 92 -3.36 -35.08 8.90
N CYS D 93 -4.31 -34.74 8.04
CA CYS D 93 -4.11 -34.77 6.59
C CYS D 93 -3.91 -36.19 6.09
N SER D 94 -3.72 -36.30 4.79
CA SER D 94 -3.57 -37.60 4.18
C SER D 94 -3.24 -37.47 2.70
N ILE D 95 -3.14 -38.63 2.06
CA ILE D 95 -2.90 -38.67 0.64
C ILE D 95 -4.02 -37.91 -0.10
N GLU D 96 -5.24 -37.97 0.43
CA GLU D 96 -6.34 -37.31 -0.27
C GLU D 96 -6.34 -35.80 -0.12
N SER D 97 -5.84 -35.30 1.01
CA SER D 97 -5.77 -33.86 1.21
C SER D 97 -4.63 -33.24 0.37
N HIS D 98 -3.68 -34.05 -0.09
CA HIS D 98 -2.62 -33.53 -0.94
C HIS D 98 -2.71 -34.13 -2.35
N ASP D 99 -3.88 -34.68 -2.67
CA ASP D 99 -4.07 -35.32 -3.98
C ASP D 99 -3.98 -34.32 -5.17
N ALA D 100 -4.64 -33.18 -5.09
CA ALA D 100 -4.60 -32.20 -6.18
C ALA D 100 -3.15 -31.70 -6.43
N LEU D 101 -2.42 -31.43 -5.34
CA LEU D 101 -1.05 -30.97 -5.41
C LEU D 101 -0.16 -32.01 -6.11
N CYS D 102 -0.28 -33.28 -5.70
CA CYS D 102 0.51 -34.36 -6.30
C CYS D 102 0.18 -34.57 -7.80
N ARG D 103 -1.10 -34.50 -8.13
CA ARG D 103 -1.52 -34.64 -9.52
C ARG D 103 -0.88 -33.54 -10.40
N ARG D 104 -0.95 -32.30 -9.92
CA ARG D 104 -0.42 -31.14 -10.67
C ARG D 104 1.10 -31.28 -10.95
N ILE D 105 1.87 -31.66 -9.92
CA ILE D 105 3.30 -31.85 -10.09
C ILE D 105 3.55 -32.92 -11.21
N ALA D 106 2.88 -34.07 -11.11
CA ALA D 106 3.04 -35.15 -12.09
C ALA D 106 2.56 -34.73 -13.47
N ARG D 107 1.43 -34.03 -13.53
CA ARG D 107 0.94 -33.58 -14.83
C ARG D 107 1.96 -32.59 -15.51
N LEU D 108 2.28 -31.50 -14.83
CA LEU D 108 3.22 -30.50 -15.35
C LEU D 108 4.57 -31.11 -15.74
N SER D 109 5.11 -31.99 -14.91
CA SER D 109 6.41 -32.62 -15.19
C SER D 109 6.38 -33.83 -16.16
N ASN D 110 5.21 -34.36 -16.49
CA ASN D 110 5.14 -35.54 -17.35
C ASN D 110 6.00 -36.66 -16.73
N SER D 111 5.96 -36.69 -15.38
CA SER D 111 6.74 -37.64 -14.60
C SER D 111 5.93 -38.44 -13.61
N THR D 112 6.57 -38.85 -12.54
CA THR D 112 5.92 -39.68 -11.56
C THR D 112 6.01 -39.15 -10.12
N VAL D 113 4.90 -39.28 -9.41
CA VAL D 113 4.85 -38.90 -8.01
C VAL D 113 4.25 -40.09 -7.23
N VAL D 114 4.86 -40.42 -6.09
CA VAL D 114 4.39 -41.49 -5.22
C VAL D 114 4.12 -40.85 -3.84
N SER D 115 2.85 -40.80 -3.45
CA SER D 115 2.47 -40.16 -2.19
C SER D 115 2.26 -41.19 -1.10
N VAL D 116 2.97 -40.99 0.02
CA VAL D 116 2.92 -41.91 1.13
C VAL D 116 1.90 -41.62 2.21
N ASP D 117 1.08 -42.64 2.48
CA ASP D 117 0.05 -42.61 3.50
C ASP D 117 0.66 -43.14 4.80
N TYR D 118 1.55 -42.34 5.41
CA TYR D 118 2.23 -42.81 6.61
C TYR D 118 1.38 -42.83 7.89
N ARG D 119 1.79 -43.66 8.85
CA ARG D 119 1.07 -43.76 10.11
C ARG D 119 1.12 -42.41 10.85
N LEU D 120 -0.01 -42.05 11.44
CA LEU D 120 -0.14 -40.77 12.12
C LEU D 120 -0.15 -40.93 13.65
N ALA D 121 0.19 -39.84 14.33
CA ALA D 121 0.18 -39.82 15.80
C ALA D 121 -1.17 -39.30 16.27
N PRO D 122 -1.55 -39.54 17.53
CA PRO D 122 -0.86 -40.25 18.61
C PRO D 122 -0.85 -41.76 18.47
N GLU D 123 -1.81 -42.30 17.72
CA GLU D 123 -1.89 -43.74 17.52
C GLU D 123 -0.52 -44.34 17.23
N HIS D 124 0.27 -43.65 16.41
CA HIS D 124 1.59 -44.12 16.05
C HIS D 124 2.64 -43.03 16.29
N LYS D 125 3.22 -43.03 17.48
CA LYS D 125 4.24 -42.07 17.90
C LYS D 125 5.55 -42.14 17.08
N PHE D 126 6.33 -41.08 17.16
CA PHE D 126 7.62 -41.04 16.49
C PHE D 126 8.39 -42.29 16.96
N PRO D 127 9.18 -42.93 16.09
CA PRO D 127 9.58 -42.71 14.70
C PRO D 127 8.74 -43.54 13.69
N ALA D 128 7.53 -43.93 14.06
CA ALA D 128 6.73 -44.74 13.14
C ALA D 128 6.57 -44.07 11.73
N ALA D 129 6.14 -42.81 11.67
CA ALA D 129 5.99 -42.14 10.38
C ALA D 129 7.32 -42.15 9.60
N VAL D 130 8.37 -41.65 10.24
CA VAL D 130 9.70 -41.61 9.64
C VAL D 130 10.04 -42.96 8.97
N TYR D 131 9.85 -44.05 9.70
CA TYR D 131 10.16 -45.36 9.15
C TYR D 131 9.21 -45.78 8.00
N ASP D 132 7.94 -45.36 8.06
CA ASP D 132 7.03 -45.68 6.98
C ASP D 132 7.53 -44.95 5.73
N CYS D 133 7.78 -43.66 5.89
CA CYS D 133 8.26 -42.89 4.74
C CYS D 133 9.56 -43.48 4.19
N TYR D 134 10.48 -43.87 5.06
CA TYR D 134 11.73 -44.46 4.58
C TYR D 134 11.43 -45.80 3.85
N ASP D 135 10.70 -46.69 4.51
CA ASP D 135 10.38 -47.96 3.87
C ASP D 135 9.75 -47.78 2.47
N ALA D 136 8.81 -46.84 2.33
CA ALA D 136 8.15 -46.58 1.06
C ALA D 136 9.13 -46.07 -0.02
N THR D 137 9.97 -45.11 0.36
CA THR D 137 10.93 -44.54 -0.59
C THR D 137 11.93 -45.64 -1.05
N LYS D 138 12.38 -46.44 -0.09
CA LYS D 138 13.32 -47.48 -0.44
C LYS D 138 12.58 -48.49 -1.32
N TRP D 139 11.32 -48.78 -0.99
CA TRP D 139 10.51 -49.68 -1.81
C TRP D 139 10.46 -49.15 -3.27
N VAL D 140 10.20 -47.85 -3.40
CA VAL D 140 10.14 -47.23 -4.73
C VAL D 140 11.45 -47.48 -5.47
N ALA D 141 12.56 -47.23 -4.79
CA ALA D 141 13.90 -47.40 -5.36
C ALA D 141 14.16 -48.81 -5.83
N GLU D 142 13.78 -49.78 -5.00
CA GLU D 142 14.00 -51.18 -5.29
C GLU D 142 13.04 -51.74 -6.32
N ASN D 143 11.97 -51.00 -6.64
CA ASN D 143 10.99 -51.47 -7.61
C ASN D 143 10.87 -50.52 -8.82
N ALA D 144 11.98 -49.87 -9.16
CA ALA D 144 12.07 -48.92 -10.25
C ALA D 144 11.53 -49.47 -11.58
N GLU D 145 12.00 -50.66 -11.94
CA GLU D 145 11.59 -51.30 -13.18
C GLU D 145 10.09 -51.54 -13.24
N GLU D 146 9.52 -52.08 -12.18
CA GLU D 146 8.10 -52.35 -12.15
C GLU D 146 7.28 -51.07 -12.22
N LEU D 147 7.65 -50.10 -11.38
CA LEU D 147 6.95 -48.83 -11.34
C LEU D 147 7.18 -48.04 -12.63
N ARG D 148 8.16 -48.47 -13.41
CA ARG D 148 8.52 -47.80 -14.64
C ARG D 148 8.95 -46.38 -14.28
N ILE D 149 9.99 -46.34 -13.46
CA ILE D 149 10.59 -45.12 -12.95
C ILE D 149 12.07 -45.12 -13.21
N ASP D 150 12.63 -43.94 -13.45
CA ASP D 150 14.06 -43.81 -13.65
C ASP D 150 14.76 -43.91 -12.27
N PRO D 151 15.43 -45.05 -11.98
CA PRO D 151 16.12 -45.23 -10.70
C PRO D 151 17.24 -44.22 -10.48
N SER D 152 17.67 -43.58 -11.56
CA SER D 152 18.74 -42.59 -11.46
C SER D 152 18.20 -41.21 -11.14
N LYS D 153 16.88 -41.07 -11.07
CA LYS D 153 16.29 -39.77 -10.74
C LYS D 153 15.13 -39.86 -9.76
N ILE D 154 15.50 -40.17 -8.53
CA ILE D 154 14.55 -40.29 -7.44
C ILE D 154 14.69 -39.11 -6.45
N PHE D 155 13.60 -38.36 -6.28
CA PHE D 155 13.56 -37.20 -5.39
C PHE D 155 12.62 -37.46 -4.21
N VAL D 156 12.88 -36.78 -3.10
CA VAL D 156 12.00 -36.86 -1.95
C VAL D 156 11.59 -35.40 -1.59
N GLY D 157 10.38 -35.25 -1.07
CA GLY D 157 9.90 -33.93 -0.71
C GLY D 157 8.59 -34.01 0.03
N GLY D 158 8.29 -32.95 0.78
CA GLY D 158 7.06 -32.88 1.55
C GLY D 158 6.86 -31.48 2.11
N ASP D 159 5.65 -31.20 2.53
CA ASP D 159 5.35 -29.89 3.07
C ASP D 159 5.14 -29.97 4.60
N SER D 160 5.65 -28.95 5.30
CA SER D 160 5.52 -28.91 6.77
C SER D 160 6.11 -30.19 7.41
N ALA D 161 5.28 -30.87 8.17
CA ALA D 161 5.71 -32.09 8.82
C ALA D 161 6.27 -33.04 7.76
N GLY D 162 5.73 -32.92 6.54
CA GLY D 162 6.19 -33.78 5.45
C GLY D 162 7.56 -33.36 4.96
N GLY D 163 7.88 -32.08 5.14
CA GLY D 163 9.19 -31.58 4.74
C GLY D 163 10.17 -32.15 5.73
N ASN D 164 9.76 -32.19 6.99
CA ASN D 164 10.57 -32.78 8.04
C ASN D 164 10.80 -34.25 7.71
N LEU D 165 9.72 -34.94 7.32
CA LEU D 165 9.83 -36.36 6.99
C LEU D 165 10.77 -36.58 5.79
N ALA D 166 10.71 -35.68 4.81
CA ALA D 166 11.61 -35.82 3.66
C ALA D 166 13.08 -35.65 4.16
N ALA D 167 13.27 -34.73 5.10
CA ALA D 167 14.60 -34.47 5.67
C ALA D 167 15.08 -35.72 6.46
N ALA D 168 14.19 -36.29 7.26
CA ALA D 168 14.55 -37.48 8.04
C ALA D 168 14.82 -38.67 7.13
N VAL D 169 14.02 -38.83 6.07
CA VAL D 169 14.25 -39.94 5.16
C VAL D 169 15.62 -39.81 4.51
N SER D 170 16.01 -38.58 4.13
CA SER D 170 17.32 -38.33 3.50
C SER D 170 18.48 -38.71 4.47
N ILE D 171 18.33 -38.37 5.74
CA ILE D 171 19.33 -38.71 6.76
C ILE D 171 19.40 -40.24 6.95
N MET D 172 18.24 -40.88 7.07
CA MET D 172 18.20 -42.32 7.25
C MET D 172 18.83 -43.06 6.07
N ALA D 173 18.68 -42.55 4.86
CA ALA D 173 19.27 -43.21 3.70
C ALA D 173 20.79 -43.05 3.71
N ARG D 174 21.27 -41.87 4.12
CA ARG D 174 22.70 -41.62 4.19
C ARG D 174 23.37 -42.52 5.25
N ASP D 175 22.81 -42.55 6.46
CA ASP D 175 23.35 -43.40 7.53
C ASP D 175 23.49 -44.86 7.03
N SER D 176 22.53 -45.32 6.23
CA SER D 176 22.54 -46.68 5.68
C SER D 176 23.46 -46.77 4.46
N GLY D 177 24.16 -45.69 4.16
CA GLY D 177 25.03 -45.70 3.00
C GLY D 177 24.23 -45.85 1.71
N GLU D 178 22.98 -45.44 1.72
CA GLU D 178 22.13 -45.52 0.53
C GLU D 178 22.28 -44.23 -0.30
N ASP D 179 22.52 -44.35 -1.59
CA ASP D 179 22.71 -43.13 -2.40
C ASP D 179 21.69 -43.00 -3.56
N PHE D 180 20.44 -43.37 -3.34
CA PHE D 180 19.49 -43.26 -4.44
C PHE D 180 18.70 -41.94 -4.42
N ILE D 181 18.79 -41.17 -3.34
CA ILE D 181 18.08 -39.91 -3.29
C ILE D 181 18.92 -38.81 -3.96
N LYS D 182 18.42 -38.30 -5.07
CA LYS D 182 19.18 -37.30 -5.80
C LYS D 182 18.89 -35.86 -5.38
N HIS D 183 17.71 -35.60 -4.82
CA HIS D 183 17.36 -34.25 -4.42
C HIS D 183 16.30 -34.30 -3.30
N GLN D 184 16.33 -33.32 -2.40
CA GLN D 184 15.33 -33.26 -1.37
C GLN D 184 14.64 -31.91 -1.45
N ILE D 185 13.31 -31.94 -1.46
CA ILE D 185 12.52 -30.73 -1.59
C ILE D 185 11.75 -30.48 -0.29
N LEU D 186 12.16 -29.45 0.44
CA LEU D 186 11.55 -29.12 1.73
C LEU D 186 10.72 -27.86 1.66
N ILE D 187 9.40 -28.02 1.71
CA ILE D 187 8.48 -26.90 1.64
C ILE D 187 8.04 -26.50 3.07
N TYR D 188 8.40 -25.28 3.48
CA TYR D 188 8.16 -24.75 4.84
C TYR D 188 8.13 -25.86 5.89
N PRO D 189 9.26 -26.53 6.02
CA PRO D 189 9.39 -27.63 6.97
C PRO D 189 9.68 -27.22 8.42
N VAL D 190 9.46 -28.20 9.29
CA VAL D 190 9.75 -28.13 10.70
C VAL D 190 10.98 -29.01 10.86
N VAL D 191 12.05 -28.42 11.38
CA VAL D 191 13.28 -29.16 11.55
C VAL D 191 13.76 -29.06 13.00
N ASN D 192 12.98 -28.36 13.81
CA ASN D 192 13.32 -28.10 15.20
C ASN D 192 12.13 -28.18 16.20
N PHE D 193 12.22 -29.08 17.16
CA PHE D 193 11.19 -29.21 18.17
C PHE D 193 11.77 -28.88 19.57
N VAL D 194 12.93 -28.19 19.61
CA VAL D 194 13.59 -27.90 20.88
C VAL D 194 13.99 -26.42 21.17
N ALA D 195 14.54 -25.73 20.18
CA ALA D 195 14.96 -24.35 20.37
C ALA D 195 13.99 -23.36 19.72
N PRO D 196 14.03 -22.09 20.14
CA PRO D 196 13.15 -21.05 19.59
C PRO D 196 13.85 -20.21 18.50
N THR D 197 13.09 -19.37 17.81
CA THR D 197 13.62 -18.49 16.77
C THR D 197 12.81 -17.19 16.77
N PRO D 198 13.37 -16.11 16.21
CA PRO D 198 12.66 -14.83 16.16
C PRO D 198 11.26 -14.97 15.53
N SER D 199 11.21 -15.62 14.36
CA SER D 199 9.95 -15.81 13.65
C SER D 199 9.01 -16.72 14.46
N LEU D 200 9.58 -17.73 15.11
CA LEU D 200 8.80 -18.66 15.93
C LEU D 200 8.11 -17.89 17.05
N LEU D 201 8.64 -16.73 17.36
CA LEU D 201 8.06 -15.88 18.38
C LEU D 201 7.22 -14.77 17.75
N GLU D 202 7.74 -14.19 16.66
CA GLU D 202 7.03 -13.09 16.02
C GLU D 202 5.63 -13.47 15.47
N PHE D 203 5.49 -14.69 14.95
CA PHE D 203 4.20 -15.10 14.39
C PHE D 203 3.57 -16.26 15.17
N GLY D 204 4.22 -16.69 16.25
CA GLY D 204 3.70 -17.79 17.04
C GLY D 204 2.27 -17.66 17.54
N GLU D 205 1.71 -16.45 17.43
CA GLU D 205 0.34 -16.20 17.86
C GLU D 205 -0.22 -14.91 17.25
N GLY D 206 -0.73 -15.00 16.02
CA GLY D 206 -1.30 -13.83 15.37
C GLY D 206 -1.95 -14.08 14.02
N LEU D 207 -1.34 -14.97 13.23
CA LEU D 207 -1.84 -15.30 11.90
C LEU D 207 -2.73 -16.53 11.91
N TRP D 208 -3.68 -16.58 10.97
CA TRP D 208 -4.57 -17.73 10.86
C TRP D 208 -3.70 -18.96 10.61
N ILE D 209 -4.32 -20.14 10.62
CA ILE D 209 -3.62 -21.37 10.32
C ILE D 209 -2.66 -21.88 11.42
N LEU D 210 -1.44 -21.35 11.45
CA LEU D 210 -0.44 -21.80 12.44
C LEU D 210 -0.18 -20.83 13.60
N ASP D 211 0.00 -21.41 14.79
CA ASP D 211 0.31 -20.66 16.01
C ASP D 211 0.99 -21.61 17.01
N GLN D 212 1.40 -21.10 18.17
CA GLN D 212 2.05 -21.97 19.14
C GLN D 212 1.08 -22.96 19.77
N LYS D 213 -0.18 -22.56 19.88
CA LYS D 213 -1.19 -23.43 20.46
C LYS D 213 -1.21 -24.78 19.74
N ILE D 214 -1.55 -24.74 18.45
CA ILE D 214 -1.65 -25.98 17.69
C ILE D 214 -0.30 -26.67 17.51
N MET D 215 0.76 -25.88 17.46
CA MET D 215 2.11 -26.43 17.32
C MET D 215 2.49 -27.25 18.56
N SER D 216 2.23 -26.69 19.74
CA SER D 216 2.52 -27.37 21.00
C SER D 216 1.69 -28.67 21.04
N TRP D 217 0.42 -28.57 20.62
CA TRP D 217 -0.47 -29.72 20.61
C TRP D 217 0.09 -30.88 19.73
N PHE D 218 0.53 -30.53 18.52
CA PHE D 218 1.08 -31.52 17.57
C PHE D 218 2.21 -32.42 18.10
N SER D 219 3.20 -31.83 18.78
CA SER D 219 4.32 -32.62 19.31
C SER D 219 3.87 -33.54 20.43
N GLU D 220 3.01 -32.99 21.30
CA GLU D 220 2.45 -33.76 22.39
C GLU D 220 1.90 -35.05 21.79
N GLN D 221 1.17 -34.90 20.69
CA GLN D 221 0.60 -36.05 20.00
C GLN D 221 1.68 -36.90 19.39
N TYR D 222 2.70 -36.22 18.85
CA TYR D 222 3.80 -36.86 18.14
C TYR D 222 4.81 -37.68 18.97
N PHE D 223 5.35 -37.07 20.04
CA PHE D 223 6.36 -37.77 20.85
C PHE D 223 5.82 -38.50 22.12
N SER D 224 6.30 -39.69 22.37
CA SER D 224 5.86 -40.43 23.53
C SER D 224 6.79 -40.08 24.69
N ARG D 225 8.09 -39.97 24.40
CA ARG D 225 9.09 -39.58 25.41
C ARG D 225 9.60 -38.17 25.04
N GLU D 226 9.59 -37.25 25.99
CA GLU D 226 10.05 -35.89 25.72
C GLU D 226 11.52 -35.83 25.22
N GLU D 227 12.28 -36.90 25.48
CA GLU D 227 13.66 -36.92 25.05
C GLU D 227 13.74 -37.24 23.55
N ASP D 228 12.62 -37.72 22.98
CA ASP D 228 12.59 -38.05 21.57
C ASP D 228 12.71 -36.78 20.71
N LYS D 229 12.44 -35.63 21.33
CA LYS D 229 12.54 -34.34 20.67
C LYS D 229 13.97 -34.06 20.18
N PHE D 230 14.96 -34.49 20.93
CA PHE D 230 16.33 -34.24 20.53
C PHE D 230 16.84 -35.29 19.55
N ASN D 231 16.03 -36.32 19.26
CA ASN D 231 16.48 -37.33 18.31
C ASN D 231 16.76 -36.65 16.93
N PRO D 232 17.85 -37.05 16.28
CA PRO D 232 18.19 -36.45 14.98
C PRO D 232 17.22 -36.76 13.84
N LEU D 233 16.28 -37.68 14.04
CA LEU D 233 15.30 -38.02 13.02
C LEU D 233 14.01 -37.24 13.25
N ALA D 234 14.08 -36.30 14.18
CA ALA D 234 12.95 -35.45 14.54
C ALA D 234 13.45 -34.01 14.40
N SER D 235 14.27 -33.60 15.36
CA SER D 235 14.91 -32.29 15.26
C SER D 235 16.14 -32.53 14.36
N VAL D 236 15.84 -32.83 13.09
CA VAL D 236 16.83 -33.14 12.04
C VAL D 236 17.92 -32.09 11.96
N ILE D 237 17.65 -30.92 12.53
CA ILE D 237 18.62 -29.83 12.53
C ILE D 237 19.93 -30.21 13.27
N PHE D 238 19.84 -31.13 14.24
CA PHE D 238 21.01 -31.54 15.01
C PHE D 238 21.60 -32.87 14.48
N ALA D 239 21.33 -33.18 13.23
CA ALA D 239 21.86 -34.41 12.65
C ALA D 239 23.15 -34.11 11.89
N ASP D 240 23.88 -35.17 11.54
CA ASP D 240 25.08 -35.04 10.74
C ASP D 240 24.61 -34.76 9.30
N LEU D 241 24.82 -33.53 8.84
CA LEU D 241 24.37 -33.12 7.51
C LEU D 241 25.33 -33.48 6.34
N GLU D 242 26.51 -34.01 6.64
CA GLU D 242 27.45 -34.32 5.58
C GLU D 242 26.93 -35.37 4.59
N ASN D 243 27.20 -35.15 3.31
CA ASN D 243 26.81 -36.05 2.22
C ASN D 243 25.28 -36.18 2.00
N LEU D 244 24.50 -35.27 2.57
CA LEU D 244 23.06 -35.32 2.35
C LEU D 244 22.72 -34.87 0.91
N PRO D 245 21.54 -35.28 0.41
CA PRO D 245 21.18 -34.86 -0.95
C PRO D 245 21.04 -33.34 -1.01
N PRO D 246 21.35 -32.73 -2.18
CA PRO D 246 21.22 -31.27 -2.33
C PRO D 246 19.76 -30.91 -2.09
N ALA D 247 19.50 -29.71 -1.60
CA ALA D 247 18.11 -29.36 -1.27
C ALA D 247 17.58 -28.06 -1.84
N LEU D 248 16.26 -28.03 -2.01
CA LEU D 248 15.53 -26.84 -2.40
C LEU D 248 14.62 -26.57 -1.22
N ILE D 249 14.82 -25.45 -0.55
CA ILE D 249 14.02 -25.11 0.60
C ILE D 249 13.18 -23.87 0.34
N ILE D 250 11.87 -24.05 0.38
CA ILE D 250 10.93 -22.98 0.15
C ILE D 250 10.29 -22.57 1.49
N THR D 251 10.34 -21.29 1.80
CA THR D 251 9.76 -20.83 3.05
C THR D 251 8.73 -19.76 2.78
N ALA D 252 7.89 -19.52 3.77
CA ALA D 252 6.85 -18.51 3.67
C ALA D 252 7.25 -17.30 4.52
N GLU D 253 7.05 -16.09 4.03
CA GLU D 253 7.45 -14.92 4.80
C GLU D 253 6.79 -14.88 6.20
N TYR D 254 5.47 -14.85 6.22
CA TYR D 254 4.70 -14.78 7.47
C TYR D 254 4.43 -16.16 8.04
N ASP D 255 5.48 -16.79 8.55
CA ASP D 255 5.36 -18.14 9.06
C ASP D 255 6.31 -18.42 10.22
N PRO D 256 5.79 -18.89 11.34
CA PRO D 256 6.59 -19.20 12.52
C PRO D 256 7.74 -20.17 12.22
N LEU D 257 7.60 -20.97 11.17
CA LEU D 257 8.63 -21.95 10.85
C LEU D 257 9.67 -21.46 9.84
N ARG D 258 9.56 -20.20 9.43
CA ARG D 258 10.47 -19.59 8.47
C ARG D 258 12.01 -19.69 8.82
N ASP D 259 12.44 -18.94 9.83
CA ASP D 259 13.86 -18.91 10.20
C ASP D 259 14.49 -20.29 10.35
N GLU D 260 13.73 -21.21 10.94
CA GLU D 260 14.17 -22.57 11.17
C GLU D 260 14.52 -23.33 9.85
N GLY D 261 13.64 -23.21 8.85
CA GLY D 261 13.86 -23.88 7.58
C GLY D 261 15.09 -23.37 6.86
N GLU D 262 15.37 -22.07 6.99
CA GLU D 262 16.55 -21.45 6.35
C GLU D 262 17.87 -21.78 7.07
N VAL D 263 17.86 -21.70 8.40
CA VAL D 263 19.07 -22.05 9.13
C VAL D 263 19.42 -23.48 8.69
N PHE D 264 18.39 -24.32 8.55
CA PHE D 264 18.67 -25.67 8.10
C PHE D 264 19.33 -25.57 6.72
N GLY D 265 18.87 -24.64 5.91
CA GLY D 265 19.48 -24.46 4.60
C GLY D 265 20.93 -24.04 4.74
N GLN D 266 21.20 -23.01 5.55
CA GLN D 266 22.57 -22.53 5.76
C GLN D 266 23.49 -23.65 6.29
N MET D 267 22.99 -24.42 7.26
CA MET D 267 23.76 -25.52 7.82
C MET D 267 24.14 -26.52 6.74
N LEU D 268 23.20 -26.81 5.84
CA LEU D 268 23.49 -27.76 4.76
C LEU D 268 24.68 -27.22 3.92
N ARG D 269 24.68 -25.91 3.71
CA ARG D 269 25.74 -25.26 2.95
C ARG D 269 27.09 -25.46 3.68
N ARG D 270 27.11 -25.15 4.97
CA ARG D 270 28.34 -25.31 5.74
C ARG D 270 28.82 -26.75 5.69
N ALA D 271 27.88 -27.69 5.74
CA ALA D 271 28.24 -29.10 5.67
C ALA D 271 28.70 -29.48 4.23
N GLY D 272 28.72 -28.51 3.32
CA GLY D 272 29.13 -28.81 1.96
C GLY D 272 28.05 -29.38 1.02
N VAL D 273 26.79 -29.35 1.47
CA VAL D 273 25.70 -29.83 0.62
C VAL D 273 25.12 -28.64 -0.15
N GLU D 274 25.00 -28.76 -1.47
CA GLU D 274 24.41 -27.64 -2.21
C GLU D 274 22.92 -27.49 -1.80
N ALA D 275 22.47 -26.24 -1.71
CA ALA D 275 21.10 -25.95 -1.30
C ALA D 275 20.68 -24.53 -1.70
N SER D 276 19.40 -24.41 -2.09
CA SER D 276 18.82 -23.10 -2.44
C SER D 276 17.76 -22.78 -1.38
N ILE D 277 17.82 -21.59 -0.82
CA ILE D 277 16.86 -21.15 0.18
C ILE D 277 16.00 -20.02 -0.40
N VAL D 278 14.74 -20.33 -0.68
CA VAL D 278 13.84 -19.36 -1.30
C VAL D 278 12.68 -18.91 -0.41
N ARG D 279 12.59 -17.60 -0.17
CA ARG D 279 11.52 -17.05 0.64
C ARG D 279 10.46 -16.35 -0.18
N TYR D 280 9.24 -16.92 -0.23
CA TYR D 280 8.14 -16.27 -0.95
C TYR D 280 7.54 -15.19 -0.02
N ARG D 281 7.51 -13.96 -0.50
CA ARG D 281 7.00 -12.86 0.31
C ARG D 281 5.49 -12.67 0.21
N GLY D 282 4.90 -12.23 1.31
CA GLY D 282 3.47 -11.96 1.34
C GLY D 282 2.52 -13.15 1.48
N VAL D 283 3.05 -14.31 1.80
CA VAL D 283 2.22 -15.50 1.95
C VAL D 283 2.50 -16.13 3.32
N LEU D 284 1.67 -17.08 3.75
CA LEU D 284 1.86 -17.72 5.06
C LEU D 284 2.17 -19.20 4.91
N HIS D 285 2.35 -19.84 6.06
CA HIS D 285 2.63 -21.25 6.08
C HIS D 285 1.46 -21.95 5.37
N GLY D 286 1.75 -23.08 4.72
CA GLY D 286 0.75 -23.85 3.99
C GLY D 286 0.26 -23.18 2.72
N PHE D 287 1.01 -22.21 2.20
CA PHE D 287 0.55 -21.48 1.02
C PHE D 287 0.48 -22.27 -0.32
N ILE D 288 1.22 -23.35 -0.43
CA ILE D 288 1.27 -24.11 -1.68
C ILE D 288 -0.09 -24.77 -2.11
N ASN D 289 -0.97 -25.10 -1.18
CA ASN D 289 -2.23 -25.77 -1.56
C ASN D 289 -3.28 -24.80 -2.15
N TYR D 290 -3.00 -23.49 -2.17
CA TYR D 290 -3.95 -22.53 -2.70
C TYR D 290 -3.57 -22.03 -4.09
N TYR D 291 -2.77 -22.80 -4.81
CA TYR D 291 -2.32 -22.42 -6.16
C TYR D 291 -3.47 -22.01 -7.11
N PRO D 292 -4.71 -22.46 -6.86
CA PRO D 292 -5.70 -21.99 -7.84
C PRO D 292 -5.97 -20.47 -7.75
N VAL D 293 -5.75 -19.87 -6.59
CA VAL D 293 -6.01 -18.43 -6.42
C VAL D 293 -4.79 -17.66 -5.89
N LEU D 294 -3.64 -18.31 -5.82
CA LEU D 294 -2.44 -17.65 -5.34
C LEU D 294 -1.27 -17.94 -6.32
N LYS D 295 -0.84 -16.91 -7.06
CA LYS D 295 0.24 -17.07 -8.03
C LYS D 295 1.54 -17.56 -7.38
N ALA D 296 1.84 -17.05 -6.18
CA ALA D 296 3.04 -17.49 -5.50
C ALA D 296 3.05 -19.01 -5.34
N ALA D 297 1.89 -19.59 -5.01
CA ALA D 297 1.76 -21.03 -4.84
C ALA D 297 1.99 -21.75 -6.18
N ARG D 298 1.47 -21.18 -7.25
CA ARG D 298 1.66 -21.76 -8.56
C ARG D 298 3.15 -21.73 -8.95
N ASP D 299 3.84 -20.65 -8.58
CA ASP D 299 5.24 -20.52 -8.91
C ASP D 299 6.08 -21.49 -8.07
N ALA D 300 5.76 -21.62 -6.79
CA ALA D 300 6.44 -22.56 -5.91
C ALA D 300 6.32 -23.99 -6.50
N ILE D 301 5.09 -24.39 -6.84
CA ILE D 301 4.84 -25.70 -7.43
C ILE D 301 5.64 -25.87 -8.75
N ASN D 302 5.71 -24.81 -9.54
CA ASN D 302 6.49 -24.83 -10.79
C ASN D 302 7.96 -25.19 -10.50
N GLN D 303 8.50 -24.70 -9.38
CA GLN D 303 9.91 -24.99 -9.04
C GLN D 303 10.10 -26.49 -8.72
N ILE D 304 9.06 -27.12 -8.18
CA ILE D 304 9.13 -28.55 -7.87
C ILE D 304 9.04 -29.35 -9.18
N ALA D 305 8.07 -29.03 -10.01
CA ALA D 305 7.90 -29.72 -11.26
C ALA D 305 9.15 -29.54 -12.14
N ALA D 306 9.79 -28.37 -12.01
CA ALA D 306 10.99 -28.04 -12.78
C ALA D 306 12.14 -29.01 -12.47
N LEU D 307 12.29 -29.40 -11.20
CA LEU D 307 13.37 -30.35 -10.86
C LEU D 307 13.15 -31.71 -11.55
N LEU D 308 11.90 -32.09 -11.77
CA LEU D 308 11.63 -33.37 -12.41
C LEU D 308 11.80 -33.33 -13.94
N VAL D 309 11.64 -32.14 -14.53
CA VAL D 309 11.74 -31.98 -15.99
C VAL D 309 13.13 -31.57 -16.47
N PHE D 310 13.78 -30.70 -15.72
CA PHE D 310 15.06 -30.16 -16.15
C PHE D 310 16.30 -30.89 -15.70
N ASP D 311 17.34 -30.63 -16.46
CA ASP D 311 18.68 -31.16 -16.28
C ASP D 311 19.57 -30.24 -17.14
#